data_9CKF
#
_entry.id   9CKF
#
_cell.length_a   215.188
_cell.length_b   52.909
_cell.length_c   151.903
_cell.angle_alpha   90.000
_cell.angle_beta   134.746
_cell.angle_gamma   90.000
#
_symmetry.space_group_name_H-M   'C 1 2 1'
#
loop_
_entity.id
_entity.type
_entity.pdbx_description
1 polymer 'N-lysine methyltransferase SMYD2'
2 non-polymer GLYCEROL
3 non-polymer S-ADENOSYL-L-HOMOCYSTEINE
4 non-polymer 'ZINC ION'
5 water water
#
_entity_poly.entity_id   1
_entity_poly.type   'polypeptide(L)'
_entity_poly.pdbx_seq_one_letter_code
;MRAEGLGGLERFCSPGKGRGLRALQPFQVGDLLFSCPAYAYVLTVNERGNHCEYCFTRKEGLSKCGRCKQAFYCNVECQK
EDWPMHKLECSPMVVFGENWNPSETVRLTARILAKQKIHPERTPSEKLLAVKEFESHLDKLDNEKKDLIQSDIAALHHFY
SKHLGFPDNDSLVVLFAQVNCNGFTIEDEELSHLGSAIFPDVALMNHSCCPNVIVTYKGTLAEVRAVQEIKPGEEVFTSY
IDLLYPTEDRNDRLRDSYFFTCECQECTTKDKDKAKVEIRKLSDPPKAEAIRDMVRYARNVIEEFRRAKHYKSPSELLEI
CELSQEKMSSVFEDSNVYMLHMMYQAMGVCAYMQDAEGALQYGQKIIKPYSKHYPLYSLNVASMWLKLGRLYMGLEHKAA
GEKALKKAIAIMEVAHGKDHPYISEIKQEIESH
;
_entity_poly.pdbx_strand_id   A,B
#
loop_
_chem_comp.id
_chem_comp.type
_chem_comp.name
_chem_comp.formula
GOL non-polymer GLYCEROL 'C3 H8 O3'
SAH non-polymer S-ADENOSYL-L-HOMOCYSTEINE 'C14 H20 N6 O5 S'
ZN non-polymer 'ZINC ION' 'Zn 2'
#
# COMPACT_ATOMS: atom_id res chain seq x y z
N GLU A 4 0.85 -29.96 -20.08
CA GLU A 4 -0.48 -29.70 -20.62
C GLU A 4 -1.25 -28.73 -19.74
N GLY A 5 -2.56 -28.70 -19.93
CA GLY A 5 -3.45 -27.92 -19.10
C GLY A 5 -4.47 -28.82 -18.43
N LEU A 6 -4.81 -28.51 -17.18
CA LEU A 6 -5.78 -29.29 -16.43
C LEU A 6 -7.17 -29.11 -17.03
N GLY A 7 -7.85 -30.23 -17.28
CA GLY A 7 -9.16 -30.16 -17.90
C GLY A 7 -10.18 -29.48 -17.00
N GLY A 8 -11.00 -28.63 -17.62
CA GLY A 8 -12.01 -27.88 -16.89
C GLY A 8 -11.50 -26.63 -16.20
N LEU A 9 -10.19 -26.41 -16.15
CA LEU A 9 -9.62 -25.24 -15.49
C LEU A 9 -8.63 -24.56 -16.42
N GLU A 10 -8.42 -23.27 -16.20
CA GLU A 10 -7.49 -22.52 -17.02
C GLU A 10 -6.79 -21.46 -16.17
N ARG A 11 -5.51 -21.26 -16.46
CA ARG A 11 -4.74 -20.20 -15.83
C ARG A 11 -5.09 -18.86 -16.46
N PHE A 12 -5.23 -17.84 -15.63
CA PHE A 12 -5.62 -16.52 -16.11
C PHE A 12 -5.11 -15.46 -15.15
N CYS A 13 -5.24 -14.20 -15.56
CA CYS A 13 -4.82 -13.05 -14.77
C CYS A 13 -6.05 -12.41 -14.15
N SER A 14 -6.23 -12.61 -12.84
CA SER A 14 -7.36 -12.00 -12.14
C SER A 14 -7.06 -10.54 -11.84
N PRO A 15 -7.94 -9.62 -12.23
CA PRO A 15 -7.69 -8.19 -11.95
C PRO A 15 -7.56 -7.90 -10.47
N GLY A 16 -6.35 -7.56 -10.04
CA GLY A 16 -6.07 -7.25 -8.65
C GLY A 16 -5.46 -8.38 -7.85
N LYS A 17 -5.40 -9.59 -8.40
CA LYS A 17 -4.90 -10.76 -7.69
C LYS A 17 -3.78 -11.46 -8.46
N GLY A 18 -3.13 -10.76 -9.37
CA GLY A 18 -2.07 -11.38 -10.16
C GLY A 18 -2.64 -12.49 -11.02
N ARG A 19 -2.09 -13.68 -10.88
CA ARG A 19 -2.55 -14.86 -11.60
C ARG A 19 -3.49 -15.69 -10.74
N GLY A 20 -4.28 -16.53 -11.39
CA GLY A 20 -5.22 -17.34 -10.68
C GLY A 20 -5.72 -18.50 -11.51
N LEU A 21 -6.61 -19.28 -10.91
CA LEU A 21 -7.21 -20.44 -11.56
C LEU A 21 -8.69 -20.16 -11.83
N ARG A 22 -9.13 -20.45 -13.05
CA ARG A 22 -10.50 -20.19 -13.48
C ARG A 22 -11.09 -21.46 -14.07
N ALA A 23 -12.38 -21.68 -13.82
CA ALA A 23 -13.07 -22.88 -14.27
C ALA A 23 -13.69 -22.67 -15.64
N LEU A 24 -13.71 -23.75 -16.44
CA LEU A 24 -14.34 -23.74 -17.75
C LEU A 24 -15.59 -24.60 -17.84
N GLN A 25 -15.74 -25.58 -16.95
CA GLN A 25 -16.91 -26.43 -16.88
C GLN A 25 -17.49 -26.34 -15.47
N PRO A 26 -18.79 -26.60 -15.30
CA PRO A 26 -19.38 -26.52 -13.96
C PRO A 26 -18.84 -27.60 -13.04
N PHE A 27 -18.68 -27.24 -11.77
CA PHE A 27 -18.22 -28.16 -10.74
C PHE A 27 -19.20 -28.13 -9.59
N GLN A 28 -19.67 -29.31 -9.17
CA GLN A 28 -20.62 -29.41 -8.07
C GLN A 28 -19.89 -29.67 -6.75
N VAL A 29 -20.62 -29.49 -5.65
CA VAL A 29 -20.09 -29.70 -4.31
C VAL A 29 -19.68 -31.15 -4.14
N GLY A 30 -18.37 -31.38 -4.02
CA GLY A 30 -17.81 -32.71 -3.90
C GLY A 30 -17.03 -33.18 -5.11
N ASP A 31 -17.02 -32.41 -6.19
CA ASP A 31 -16.31 -32.79 -7.40
C ASP A 31 -14.82 -32.53 -7.23
N LEU A 32 -14.00 -33.50 -7.65
CA LEU A 32 -12.55 -33.34 -7.64
C LEU A 32 -12.14 -32.47 -8.82
N LEU A 33 -11.64 -31.27 -8.54
CA LEU A 33 -11.18 -30.39 -9.61
C LEU A 33 -9.90 -30.92 -10.25
N PHE A 34 -8.88 -31.20 -9.44
CA PHE A 34 -7.64 -31.79 -9.93
C PHE A 34 -6.84 -32.31 -8.75
N SER A 35 -5.87 -33.17 -9.05
CA SER A 35 -4.93 -33.67 -8.07
C SER A 35 -3.52 -33.28 -8.50
N CYS A 36 -2.66 -33.06 -7.53
CA CYS A 36 -1.31 -32.57 -7.81
C CYS A 36 -0.31 -33.25 -6.87
N PRO A 37 0.62 -34.03 -7.40
CA PRO A 37 1.64 -34.63 -6.54
C PRO A 37 2.59 -33.58 -6.01
N ALA A 38 3.19 -33.87 -4.86
CA ALA A 38 4.09 -32.92 -4.22
C ALA A 38 5.38 -32.76 -5.01
N TYR A 39 5.83 -31.50 -5.15
CA TYR A 39 7.13 -31.25 -5.75
C TYR A 39 8.25 -31.53 -4.77
N ALA A 40 8.16 -30.96 -3.57
CA ALA A 40 9.06 -31.28 -2.46
C ALA A 40 8.24 -31.39 -1.19
N TYR A 41 8.70 -32.24 -0.27
CA TYR A 41 7.94 -32.46 0.95
C TYR A 41 8.87 -32.99 2.04
N VAL A 42 8.45 -32.79 3.29
CA VAL A 42 9.23 -33.20 4.46
C VAL A 42 8.26 -33.56 5.58
N LEU A 43 8.58 -34.63 6.30
CA LEU A 43 7.82 -35.02 7.47
C LEU A 43 8.31 -34.24 8.69
N THR A 44 7.38 -33.68 9.46
CA THR A 44 7.76 -32.92 10.64
C THR A 44 8.44 -33.82 11.67
N VAL A 45 9.25 -33.20 12.53
CA VAL A 45 10.09 -33.96 13.46
C VAL A 45 9.23 -34.76 14.43
N ASN A 46 8.14 -34.16 14.91
CA ASN A 46 7.34 -34.76 15.98
C ASN A 46 6.44 -35.89 15.49
N GLU A 47 6.39 -36.16 14.19
CA GLU A 47 5.60 -37.26 13.65
C GLU A 47 6.46 -38.40 13.13
N ARG A 48 7.76 -38.38 13.41
CA ARG A 48 8.62 -39.48 13.01
C ARG A 48 8.23 -40.76 13.77
N GLY A 49 8.28 -41.89 13.07
CA GLY A 49 7.84 -43.14 13.63
C GLY A 49 6.36 -43.42 13.49
N ASN A 50 5.55 -42.38 13.33
CA ASN A 50 4.12 -42.54 13.13
C ASN A 50 3.73 -42.54 11.66
N HIS A 51 4.50 -41.87 10.80
CA HIS A 51 4.22 -41.78 9.38
C HIS A 51 5.49 -42.13 8.60
N CYS A 52 5.28 -42.78 7.46
CA CYS A 52 6.41 -43.10 6.58
C CYS A 52 6.97 -41.82 5.96
N GLU A 53 8.29 -41.77 5.84
CA GLU A 53 8.94 -40.58 5.29
C GLU A 53 8.63 -40.37 3.81
N TYR A 54 8.46 -41.45 3.05
CA TYR A 54 8.32 -41.31 1.61
C TYR A 54 6.88 -41.02 1.19
N CYS A 55 5.91 -41.72 1.79
CA CYS A 55 4.52 -41.65 1.33
C CYS A 55 3.55 -41.22 2.42
N PHE A 56 4.03 -40.80 3.59
CA PHE A 56 3.18 -40.25 4.64
C PHE A 56 2.10 -41.24 5.09
N THR A 57 2.39 -42.53 5.01
CA THR A 57 1.44 -43.55 5.46
C THR A 57 1.52 -43.70 6.97
N ARG A 58 0.40 -43.45 7.65
CA ARG A 58 0.33 -43.60 9.10
C ARG A 58 0.10 -45.06 9.45
N LYS A 59 1.03 -45.65 10.20
CA LYS A 59 1.00 -47.08 10.49
C LYS A 59 1.97 -47.36 11.64
N GLU A 60 1.58 -48.27 12.52
CA GLU A 60 2.47 -48.69 13.60
C GLU A 60 3.44 -49.75 13.09
N GLY A 61 4.63 -49.76 13.68
CA GLY A 61 5.66 -50.70 13.27
C GLY A 61 6.28 -50.36 11.94
N LEU A 62 7.19 -49.39 11.93
CA LEU A 62 7.86 -48.95 10.72
C LEU A 62 9.34 -49.27 10.80
N SER A 63 9.91 -49.68 9.66
CA SER A 63 11.33 -50.02 9.61
C SER A 63 12.18 -48.76 9.83
N LYS A 64 13.14 -48.86 10.75
CA LYS A 64 13.99 -47.73 11.09
C LYS A 64 15.22 -47.68 10.18
N CYS A 65 15.71 -46.47 9.96
CA CYS A 65 16.92 -46.29 9.16
C CYS A 65 18.14 -46.73 9.96
N GLY A 66 18.98 -47.56 9.33
CA GLY A 66 20.11 -48.13 10.05
C GLY A 66 21.14 -47.09 10.47
N ARG A 67 21.40 -46.11 9.61
CA ARG A 67 22.51 -45.19 9.87
C ARG A 67 22.13 -44.13 10.91
N CYS A 68 20.96 -43.52 10.78
CA CYS A 68 20.60 -42.41 11.65
C CYS A 68 19.59 -42.78 12.72
N LYS A 69 18.77 -43.80 12.49
CA LYS A 69 17.74 -44.28 13.42
C LYS A 69 16.66 -43.25 13.70
N GLN A 70 16.60 -42.17 12.92
CA GLN A 70 15.60 -41.13 13.08
C GLN A 70 14.78 -40.93 11.81
N ALA A 71 14.56 -42.00 11.05
CA ALA A 71 13.77 -41.96 9.82
C ALA A 71 13.16 -43.33 9.61
N PHE A 72 11.84 -43.38 9.50
CA PHE A 72 11.10 -44.63 9.44
C PHE A 72 10.37 -44.76 8.11
N TYR A 73 10.31 -46.00 7.61
CA TYR A 73 9.66 -46.28 6.34
C TYR A 73 8.78 -47.51 6.48
N CYS A 74 7.83 -47.64 5.55
CA CYS A 74 6.97 -48.82 5.53
C CYS A 74 7.78 -50.08 5.24
N ASN A 75 8.74 -49.98 4.34
CA ASN A 75 9.58 -51.10 3.93
C ASN A 75 10.79 -50.54 3.19
N VAL A 76 11.68 -51.46 2.76
CA VAL A 76 12.85 -51.04 2.00
C VAL A 76 12.44 -50.43 0.66
N GLU A 77 11.23 -50.71 0.18
CA GLU A 77 10.73 -50.08 -1.04
C GLU A 77 10.68 -48.57 -0.89
N CYS A 78 9.95 -48.09 0.14
CA CYS A 78 9.88 -46.65 0.37
C CYS A 78 11.20 -46.08 0.86
N GLN A 79 12.08 -46.91 1.42
CA GLN A 79 13.35 -46.42 1.94
C GLN A 79 14.26 -45.97 0.80
N LYS A 80 14.57 -46.87 -0.13
CA LYS A 80 15.45 -46.53 -1.25
C LYS A 80 14.82 -45.49 -2.17
N GLU A 81 13.48 -45.40 -2.20
CA GLU A 81 12.85 -44.36 -3.02
C GLU A 81 13.00 -42.98 -2.40
N ASP A 82 13.14 -42.90 -1.08
CA ASP A 82 13.33 -41.63 -0.38
C ASP A 82 14.79 -41.28 -0.16
N TRP A 83 15.72 -42.17 -0.52
CA TRP A 83 17.13 -41.90 -0.27
C TRP A 83 17.68 -40.68 -1.02
N PRO A 84 17.33 -40.42 -2.29
CA PRO A 84 17.84 -39.19 -2.93
C PRO A 84 17.52 -37.92 -2.16
N MET A 85 16.48 -37.90 -1.34
CA MET A 85 16.17 -36.77 -0.48
C MET A 85 16.61 -36.96 0.96
N HIS A 86 16.59 -38.20 1.45
CA HIS A 86 16.95 -38.47 2.84
C HIS A 86 18.45 -38.28 3.06
N LYS A 87 19.27 -38.45 2.02
CA LYS A 87 20.71 -38.32 2.16
C LYS A 87 21.12 -36.91 2.54
N LEU A 88 20.25 -35.91 2.36
CA LEU A 88 20.57 -34.55 2.76
C LEU A 88 20.61 -34.40 4.28
N GLU A 89 19.89 -35.25 5.01
CA GLU A 89 19.79 -35.12 6.46
C GLU A 89 20.30 -36.33 7.24
N CYS A 90 20.36 -37.51 6.61
CA CYS A 90 20.74 -38.72 7.34
C CYS A 90 22.10 -38.55 8.02
N SER A 91 23.13 -38.23 7.24
CA SER A 91 24.47 -38.08 7.83
C SER A 91 24.56 -36.90 8.78
N PRO A 92 24.09 -35.70 8.45
CA PRO A 92 24.25 -34.57 9.40
C PRO A 92 23.51 -34.75 10.72
N MET A 93 22.44 -35.54 10.74
CA MET A 93 21.72 -35.73 12.00
C MET A 93 22.55 -36.45 13.04
N VAL A 94 23.43 -37.36 12.62
CA VAL A 94 24.29 -38.05 13.57
C VAL A 94 25.53 -37.21 13.88
N VAL A 95 26.07 -36.50 12.89
CA VAL A 95 27.27 -35.71 13.10
C VAL A 95 26.98 -34.51 13.99
N PHE A 96 25.89 -33.80 13.72
CA PHE A 96 25.53 -32.64 14.54
C PHE A 96 24.92 -33.07 15.87
N GLY A 97 24.24 -34.21 15.92
CA GLY A 97 23.67 -34.71 17.14
C GLY A 97 22.55 -33.84 17.69
N GLU A 98 22.73 -33.36 18.93
CA GLU A 98 21.74 -32.48 19.54
C GLU A 98 21.66 -31.15 18.82
N ASN A 99 22.77 -30.67 18.26
CA ASN A 99 22.83 -29.36 17.61
C ASN A 99 22.15 -29.33 16.25
N TRP A 100 21.63 -30.45 15.77
CA TRP A 100 20.92 -30.48 14.49
C TRP A 100 19.47 -30.07 14.73
N ASN A 101 19.13 -28.84 14.39
CA ASN A 101 17.76 -28.34 14.53
C ASN A 101 17.49 -27.23 13.52
N PRO A 102 17.44 -27.57 12.23
CA PRO A 102 17.05 -26.59 11.23
C PRO A 102 15.54 -26.41 11.25
N SER A 103 15.11 -25.21 10.87
CA SER A 103 13.68 -24.95 10.76
C SER A 103 13.08 -25.81 9.65
N GLU A 104 11.77 -26.00 9.72
CA GLU A 104 11.10 -26.83 8.73
C GLU A 104 11.12 -26.17 7.35
N THR A 105 11.09 -24.84 7.28
CA THR A 105 11.21 -24.16 5.99
C THR A 105 12.57 -24.44 5.36
N VAL A 106 13.63 -24.51 6.17
CA VAL A 106 14.96 -24.80 5.64
C VAL A 106 15.05 -26.26 5.18
N ARG A 107 14.40 -27.17 5.90
CA ARG A 107 14.36 -28.56 5.47
C ARG A 107 13.69 -28.68 4.11
N LEU A 108 12.55 -28.00 3.94
CA LEU A 108 11.84 -28.06 2.67
C LEU A 108 12.63 -27.39 1.56
N THR A 109 13.24 -26.25 1.86
CA THR A 109 13.99 -25.52 0.84
C THR A 109 15.19 -26.32 0.35
N ALA A 110 15.84 -27.07 1.26
CA ALA A 110 16.99 -27.86 0.84
C ALA A 110 16.61 -28.95 -0.16
N ARG A 111 15.41 -29.51 -0.04
CA ARG A 111 14.97 -30.51 -1.00
C ARG A 111 14.45 -29.89 -2.29
N ILE A 112 13.97 -28.64 -2.22
CA ILE A 112 13.61 -27.93 -3.45
C ILE A 112 14.84 -27.76 -4.33
N LEU A 113 15.95 -27.32 -3.72
CA LEU A 113 17.20 -27.19 -4.47
C LEU A 113 17.69 -28.54 -4.98
N ALA A 114 17.43 -29.61 -4.21
CA ALA A 114 17.84 -30.94 -4.64
C ALA A 114 17.00 -31.42 -5.82
N LYS A 115 15.70 -31.13 -5.80
CA LYS A 115 14.83 -31.58 -6.87
C LYS A 115 15.16 -30.89 -8.19
N GLN A 116 15.47 -29.59 -8.13
CA GLN A 116 15.83 -28.86 -9.35
C GLN A 116 17.16 -29.36 -9.91
N LYS A 117 18.03 -29.90 -9.05
CA LYS A 117 19.34 -30.35 -9.49
C LYS A 117 19.27 -31.70 -10.21
N ILE A 118 18.32 -32.54 -9.84
CA ILE A 118 18.17 -33.86 -10.45
C ILE A 118 16.94 -33.92 -11.36
N HIS A 119 16.28 -32.79 -11.59
CA HIS A 119 15.11 -32.74 -12.45
C HIS A 119 14.83 -31.29 -12.86
N PRO A 120 15.68 -30.68 -13.67
CA PRO A 120 15.54 -29.25 -13.95
C PRO A 120 14.40 -28.90 -14.89
N GLU A 121 13.71 -29.89 -15.46
CA GLU A 121 12.62 -29.60 -16.40
C GLU A 121 11.29 -29.56 -15.66
N ARG A 122 10.22 -29.28 -16.40
CA ARG A 122 8.90 -29.20 -15.80
C ARG A 122 8.44 -30.56 -15.32
N THR A 123 8.00 -30.62 -14.06
CA THR A 123 7.46 -31.82 -13.45
C THR A 123 5.94 -31.88 -13.64
N PRO A 124 5.34 -33.06 -13.50
CA PRO A 124 3.87 -33.15 -13.57
C PRO A 124 3.17 -32.40 -12.45
N SER A 125 3.90 -31.84 -11.48
CA SER A 125 3.32 -31.03 -10.42
C SER A 125 3.18 -29.56 -10.79
N GLU A 126 3.68 -29.14 -11.95
CA GLU A 126 3.66 -27.75 -12.36
C GLU A 126 3.17 -27.64 -13.81
N LYS A 127 1.99 -28.20 -14.06
CA LYS A 127 1.41 -28.13 -15.40
C LYS A 127 0.90 -26.74 -15.75
N LEU A 128 0.66 -25.89 -14.74
CA LEU A 128 0.17 -24.54 -14.97
C LEU A 128 1.03 -23.45 -14.36
N LEU A 129 1.86 -23.76 -13.37
CA LEU A 129 2.67 -22.75 -12.68
C LEU A 129 3.97 -23.39 -12.25
N ALA A 130 5.07 -23.01 -12.90
CA ALA A 130 6.37 -23.58 -12.56
C ALA A 130 6.86 -23.02 -11.23
N VAL A 131 7.80 -23.76 -10.62
CA VAL A 131 8.36 -23.32 -9.35
C VAL A 131 9.16 -22.02 -9.52
N LYS A 132 9.80 -21.86 -10.68
CA LYS A 132 10.53 -20.61 -10.95
C LYS A 132 9.60 -19.41 -10.99
N GLU A 133 8.33 -19.62 -11.37
CA GLU A 133 7.39 -18.51 -11.52
C GLU A 133 6.72 -18.09 -10.22
N PHE A 134 7.07 -18.71 -9.09
CA PHE A 134 6.44 -18.38 -7.82
C PHE A 134 6.66 -16.91 -7.48
N GLU A 135 5.58 -16.23 -7.09
CA GLU A 135 5.71 -14.86 -6.64
C GLU A 135 6.46 -14.83 -5.31
N SER A 136 7.31 -13.83 -5.14
CA SER A 136 8.20 -13.76 -3.97
C SER A 136 7.89 -12.61 -3.03
N HIS A 137 7.27 -11.53 -3.51
CA HIS A 137 7.08 -10.31 -2.72
C HIS A 137 8.40 -9.82 -2.14
N LEU A 138 9.47 -9.97 -2.92
CA LEU A 138 10.79 -9.55 -2.48
C LEU A 138 10.85 -8.04 -2.28
N ASP A 139 10.14 -7.28 -3.14
CA ASP A 139 10.12 -5.83 -3.00
C ASP A 139 9.55 -5.40 -1.66
N LYS A 140 8.64 -6.18 -1.09
CA LYS A 140 7.88 -5.77 0.08
C LYS A 140 8.45 -6.34 1.39
N LEU A 141 9.62 -6.97 1.34
CA LEU A 141 10.19 -7.58 2.53
C LEU A 141 10.70 -6.51 3.49
N ASP A 142 10.15 -6.50 4.70
CA ASP A 142 10.61 -5.59 5.74
C ASP A 142 12.04 -5.93 6.16
N ASN A 143 12.76 -4.91 6.63
CA ASN A 143 14.15 -5.11 7.04
C ASN A 143 14.26 -6.15 8.14
N GLU A 144 13.35 -6.11 9.12
CA GLU A 144 13.37 -7.15 10.15
C GLU A 144 13.03 -8.51 9.58
N LYS A 145 12.17 -8.56 8.56
CA LYS A 145 11.89 -9.83 7.89
C LYS A 145 13.08 -10.30 7.06
N LYS A 146 13.89 -9.36 6.54
CA LYS A 146 15.07 -9.75 5.76
C LYS A 146 16.11 -10.47 6.60
N ASP A 147 16.20 -10.15 7.90
CA ASP A 147 17.14 -10.86 8.77
C ASP A 147 16.65 -12.25 9.11
N LEU A 148 15.34 -12.46 9.13
CA LEU A 148 14.81 -13.80 9.36
C LEU A 148 15.06 -14.71 8.16
N ILE A 149 15.05 -14.14 6.95
CA ILE A 149 15.37 -14.93 5.76
C ILE A 149 16.86 -15.18 5.67
N GLN A 150 17.68 -14.18 6.02
CA GLN A 150 19.12 -14.39 6.04
C GLN A 150 19.53 -15.41 7.10
N SER A 151 18.82 -15.44 8.23
CA SER A 151 19.07 -16.45 9.26
C SER A 151 18.74 -17.85 8.76
N ASP A 152 17.83 -17.96 7.78
CA ASP A 152 17.52 -19.26 7.20
C ASP A 152 18.57 -19.68 6.18
N ILE A 153 19.09 -18.71 5.41
CA ILE A 153 20.19 -19.01 4.49
C ILE A 153 21.43 -19.42 5.28
N ALA A 154 21.66 -18.78 6.43
CA ALA A 154 22.80 -19.14 7.27
C ALA A 154 22.68 -20.58 7.76
N ALA A 155 21.47 -21.00 8.13
CA ALA A 155 21.28 -22.38 8.57
C ALA A 155 21.33 -23.35 7.40
N LEU A 156 20.96 -22.89 6.20
CA LEU A 156 21.04 -23.73 5.01
C LEU A 156 22.49 -24.08 4.70
N HIS A 157 23.37 -23.08 4.67
CA HIS A 157 24.80 -23.35 4.52
C HIS A 157 25.34 -24.14 5.70
N HIS A 158 24.79 -23.92 6.89
CA HIS A 158 25.31 -24.56 8.09
C HIS A 158 25.02 -26.06 8.10
N PHE A 159 23.87 -26.47 7.57
CA PHE A 159 23.42 -27.86 7.67
C PHE A 159 23.43 -28.62 6.35
N TYR A 160 23.23 -27.95 5.22
CA TYR A 160 23.01 -28.62 3.95
C TYR A 160 24.07 -28.28 2.91
N SER A 161 25.31 -28.06 3.35
CA SER A 161 26.38 -27.72 2.42
C SER A 161 27.02 -28.94 1.77
N LYS A 162 26.61 -30.15 2.14
CA LYS A 162 27.32 -31.34 1.65
C LYS A 162 26.91 -31.69 0.22
N HIS A 163 25.59 -31.74 -0.05
CA HIS A 163 25.08 -32.25 -1.32
C HIS A 163 24.41 -31.18 -2.18
N LEU A 164 24.46 -29.91 -1.80
CA LEU A 164 23.75 -28.87 -2.51
C LEU A 164 24.71 -27.90 -3.18
N GLY A 165 24.40 -27.54 -4.43
CA GLY A 165 25.12 -26.50 -5.12
C GLY A 165 24.38 -25.19 -4.99
N PHE A 166 24.88 -24.30 -4.13
CA PHE A 166 24.13 -23.11 -3.77
C PHE A 166 24.26 -22.04 -4.84
N PRO A 167 23.16 -21.41 -5.25
CA PRO A 167 23.26 -20.24 -6.14
C PRO A 167 23.69 -19.00 -5.39
N ASP A 168 23.59 -17.84 -6.04
CA ASP A 168 23.91 -16.58 -5.39
C ASP A 168 23.03 -16.38 -4.17
N ASN A 169 23.54 -15.62 -3.20
CA ASN A 169 22.75 -15.28 -2.03
C ASN A 169 21.49 -14.51 -2.42
N ASP A 170 21.55 -13.76 -3.51
CA ASP A 170 20.35 -13.11 -4.04
C ASP A 170 19.31 -14.14 -4.44
N SER A 171 19.75 -15.24 -5.08
CA SER A 171 18.83 -16.30 -5.47
C SER A 171 18.33 -17.09 -4.28
N LEU A 172 19.05 -17.10 -3.16
CA LEU A 172 18.57 -17.82 -1.99
C LEU A 172 17.56 -17.00 -1.19
N VAL A 173 17.71 -15.67 -1.18
CA VAL A 173 16.72 -14.83 -0.51
C VAL A 173 15.37 -14.95 -1.22
N VAL A 174 15.38 -14.88 -2.55
CA VAL A 174 14.13 -14.97 -3.30
C VAL A 174 13.54 -16.37 -3.22
N LEU A 175 14.34 -17.40 -2.98
CA LEU A 175 13.81 -18.75 -2.88
C LEU A 175 13.06 -18.94 -1.58
N PHE A 176 13.64 -18.49 -0.46
CA PHE A 176 12.93 -18.56 0.81
C PHE A 176 11.70 -17.67 0.81
N ALA A 177 11.76 -16.53 0.12
CA ALA A 177 10.59 -15.67 0.03
C ALA A 177 9.44 -16.37 -0.69
N GLN A 178 9.75 -17.13 -1.74
CA GLN A 178 8.71 -17.88 -2.44
C GLN A 178 8.16 -19.01 -1.59
N VAL A 179 9.02 -19.66 -0.79
CA VAL A 179 8.56 -20.76 0.03
C VAL A 179 7.62 -20.27 1.12
N ASN A 180 7.93 -19.14 1.74
CA ASN A 180 7.07 -18.59 2.78
C ASN A 180 5.71 -18.17 2.25
N CYS A 181 5.60 -17.89 0.95
CA CYS A 181 4.33 -17.49 0.34
C CYS A 181 3.59 -18.64 -0.32
N ASN A 182 4.31 -19.55 -0.97
CA ASN A 182 3.69 -20.63 -1.74
C ASN A 182 3.76 -21.98 -1.03
N GLY A 183 4.23 -22.01 0.22
CA GLY A 183 4.36 -23.26 0.93
C GLY A 183 3.03 -23.76 1.49
N PHE A 184 2.92 -25.07 1.61
CA PHE A 184 1.75 -25.71 2.16
C PHE A 184 2.15 -26.53 3.38
N THR A 185 1.23 -26.65 4.33
CA THR A 185 1.43 -27.48 5.51
C THR A 185 0.44 -28.63 5.46
N ILE A 186 0.95 -29.85 5.37
CA ILE A 186 0.09 -31.02 5.34
C ILE A 186 -0.49 -31.27 6.73
N GLU A 187 -1.79 -31.53 6.79
CA GLU A 187 -2.47 -31.84 8.05
C GLU A 187 -3.19 -33.17 7.93
N ASP A 188 -3.43 -33.79 9.09
CA ASP A 188 -4.11 -35.08 9.14
C ASP A 188 -5.62 -34.83 9.30
N GLU A 189 -6.36 -35.84 9.78
CA GLU A 189 -7.80 -35.70 9.94
C GLU A 189 -8.15 -34.77 11.09
N GLU A 190 -7.31 -34.71 12.12
CA GLU A 190 -7.52 -33.80 13.25
C GLU A 190 -6.86 -32.44 13.04
N LEU A 191 -6.49 -32.12 11.80
CA LEU A 191 -5.82 -30.86 11.48
C LEU A 191 -4.55 -30.65 12.30
N SER A 192 -3.88 -31.74 12.66
CA SER A 192 -2.59 -31.67 13.33
C SER A 192 -1.49 -31.59 12.27
N HIS A 193 -0.44 -30.85 12.59
CA HIS A 193 0.62 -30.57 11.61
C HIS A 193 1.38 -31.85 11.29
N LEU A 194 1.40 -32.22 10.00
CA LEU A 194 2.12 -33.40 9.54
C LEU A 194 3.41 -33.07 8.79
N GLY A 195 3.50 -31.90 8.19
CA GLY A 195 4.71 -31.52 7.49
C GLY A 195 4.44 -30.33 6.58
N SER A 196 5.43 -30.05 5.73
CA SER A 196 5.33 -28.98 4.75
C SER A 196 5.62 -29.54 3.38
N ALA A 197 5.08 -28.88 2.36
CA ALA A 197 5.24 -29.35 0.99
C ALA A 197 5.08 -28.17 0.04
N ILE A 198 5.37 -28.45 -1.23
CA ILE A 198 5.22 -27.48 -2.30
C ILE A 198 4.37 -28.11 -3.39
N PHE A 199 3.22 -27.52 -3.67
CA PHE A 199 2.31 -27.97 -4.73
C PHE A 199 2.16 -26.85 -5.75
N PRO A 200 2.94 -26.86 -6.83
CA PRO A 200 2.92 -25.70 -7.75
C PRO A 200 1.56 -25.39 -8.34
N ASP A 201 0.87 -26.38 -8.91
CA ASP A 201 -0.43 -26.12 -9.50
C ASP A 201 -1.45 -25.68 -8.46
N VAL A 202 -1.35 -26.19 -7.24
CA VAL A 202 -2.27 -25.82 -6.18
C VAL A 202 -2.02 -24.39 -5.71
N ALA A 203 -0.77 -23.93 -5.76
CA ALA A 203 -0.44 -22.57 -5.36
C ALA A 203 -0.98 -21.52 -6.30
N LEU A 204 -1.53 -21.91 -7.46
CA LEU A 204 -2.04 -20.93 -8.41
C LEU A 204 -3.34 -20.30 -7.92
N MET A 205 -4.09 -21.00 -7.09
CA MET A 205 -5.39 -20.51 -6.63
C MET A 205 -5.20 -19.36 -5.64
N ASN A 206 -6.04 -18.33 -5.78
CA ASN A 206 -5.98 -17.17 -4.91
C ASN A 206 -6.80 -17.42 -3.64
N HIS A 207 -6.87 -16.42 -2.78
CA HIS A 207 -7.52 -16.54 -1.48
C HIS A 207 -8.87 -15.84 -1.48
N SER A 208 -9.78 -16.39 -0.68
CA SER A 208 -11.06 -15.75 -0.39
C SER A 208 -11.57 -16.25 0.95
N CYS A 209 -12.10 -15.34 1.75
CA CYS A 209 -12.67 -15.73 3.04
C CYS A 209 -13.98 -16.50 2.88
N CYS A 210 -14.53 -16.55 1.66
CA CYS A 210 -15.67 -17.41 1.32
C CYS A 210 -15.25 -18.28 0.14
N PRO A 211 -14.40 -19.29 0.38
CA PRO A 211 -13.85 -20.06 -0.73
C PRO A 211 -14.86 -21.01 -1.33
N ASN A 212 -14.58 -21.41 -2.57
CA ASN A 212 -15.41 -22.39 -3.26
C ASN A 212 -14.76 -23.77 -3.32
N VAL A 213 -13.49 -23.89 -2.92
CA VAL A 213 -12.81 -25.18 -2.86
C VAL A 213 -12.04 -25.30 -1.55
N ILE A 214 -11.72 -26.53 -1.20
CA ILE A 214 -10.92 -26.84 -0.02
C ILE A 214 -9.86 -27.86 -0.41
N VAL A 215 -8.68 -27.73 0.19
CA VAL A 215 -7.54 -28.57 -0.14
C VAL A 215 -7.40 -29.65 0.92
N THR A 216 -7.47 -30.90 0.50
CA THR A 216 -7.20 -32.05 1.35
C THR A 216 -6.00 -32.80 0.80
N TYR A 217 -5.51 -33.77 1.58
CA TYR A 217 -4.31 -34.51 1.23
C TYR A 217 -4.56 -36.00 1.35
N LYS A 218 -3.98 -36.76 0.42
CA LYS A 218 -4.03 -38.22 0.42
C LYS A 218 -2.59 -38.72 0.41
N GLY A 219 -1.96 -38.72 1.58
CA GLY A 219 -0.55 -39.01 1.66
C GLY A 219 0.27 -37.80 1.25
N THR A 220 1.02 -37.92 0.16
CA THR A 220 1.76 -36.80 -0.40
C THR A 220 1.03 -36.13 -1.55
N LEU A 221 -0.13 -36.66 -1.95
CA LEU A 221 -0.91 -36.10 -3.04
C LEU A 221 -1.95 -35.13 -2.49
N ALA A 222 -1.94 -33.90 -3.00
CA ALA A 222 -2.93 -32.90 -2.62
C ALA A 222 -4.13 -32.97 -3.57
N GLU A 223 -5.33 -33.02 -3.00
CA GLU A 223 -6.56 -33.06 -3.77
C GLU A 223 -7.36 -31.79 -3.54
N VAL A 224 -7.92 -31.26 -4.63
CA VAL A 224 -8.73 -30.05 -4.60
C VAL A 224 -10.16 -30.44 -4.92
N ARG A 225 -11.08 -30.12 -4.01
CA ARG A 225 -12.50 -30.46 -4.16
C ARG A 225 -13.37 -29.24 -3.90
N ALA A 226 -14.44 -29.13 -4.68
CA ALA A 226 -15.31 -27.96 -4.59
C ALA A 226 -16.15 -27.99 -3.32
N VAL A 227 -16.16 -26.87 -2.59
CA VAL A 227 -17.02 -26.72 -1.42
C VAL A 227 -18.27 -25.89 -1.73
N GLN A 228 -18.36 -25.30 -2.91
CA GLN A 228 -19.55 -24.60 -3.35
C GLN A 228 -19.83 -24.97 -4.80
N GLU A 229 -20.89 -24.39 -5.37
CA GLU A 229 -21.16 -24.56 -6.78
C GLU A 229 -20.27 -23.61 -7.58
N ILE A 230 -19.50 -24.16 -8.51
CA ILE A 230 -18.56 -23.40 -9.33
C ILE A 230 -19.03 -23.47 -10.77
N LYS A 231 -19.37 -22.31 -11.35
CA LYS A 231 -19.84 -22.10 -12.71
C LYS A 231 -18.68 -21.74 -13.64
N PRO A 232 -18.80 -22.03 -14.93
CA PRO A 232 -17.74 -21.64 -15.88
C PRO A 232 -17.53 -20.14 -15.87
N GLY A 233 -16.25 -19.74 -15.80
CA GLY A 233 -15.88 -18.31 -15.79
C GLY A 233 -15.61 -17.78 -14.40
N GLU A 234 -15.90 -18.58 -13.37
CA GLU A 234 -15.68 -18.17 -11.95
C GLU A 234 -14.28 -18.60 -11.50
N GLU A 235 -13.61 -17.75 -10.71
CA GLU A 235 -12.28 -18.06 -10.22
C GLU A 235 -12.34 -19.05 -9.06
N VAL A 236 -11.37 -19.95 -9.02
CA VAL A 236 -11.29 -20.96 -7.97
C VAL A 236 -10.55 -20.37 -6.78
N PHE A 237 -11.25 -20.24 -5.65
CA PHE A 237 -10.72 -19.59 -4.46
C PHE A 237 -10.58 -20.59 -3.32
N THR A 238 -9.50 -20.47 -2.57
CA THR A 238 -9.25 -21.25 -1.37
C THR A 238 -9.13 -20.30 -0.18
N SER A 239 -8.92 -20.86 1.01
CA SER A 239 -8.68 -20.09 2.21
C SER A 239 -7.26 -20.38 2.70
N TYR A 240 -6.50 -19.32 2.95
CA TYR A 240 -5.15 -19.47 3.47
C TYR A 240 -5.10 -19.48 4.98
N ILE A 241 -6.12 -18.98 5.66
CA ILE A 241 -6.08 -18.73 7.09
C ILE A 241 -7.32 -19.31 7.76
N ASP A 242 -7.29 -19.30 9.10
CA ASP A 242 -8.43 -19.74 9.90
C ASP A 242 -9.53 -18.69 9.84
N LEU A 243 -10.68 -19.06 9.30
CA LEU A 243 -11.78 -18.12 9.05
C LEU A 243 -12.64 -17.84 10.27
N LEU A 244 -12.14 -18.10 11.48
CA LEU A 244 -12.93 -17.87 12.68
C LEU A 244 -12.91 -16.42 13.13
N TYR A 245 -11.79 -15.74 12.96
CA TYR A 245 -11.57 -14.43 13.57
C TYR A 245 -12.15 -13.32 12.70
N PRO A 246 -12.38 -12.13 13.30
CA PRO A 246 -13.00 -11.03 12.53
C PRO A 246 -12.17 -10.52 11.37
N THR A 247 -12.74 -9.58 10.61
CA THR A 247 -12.09 -9.07 9.41
C THR A 247 -10.74 -8.44 9.72
N GLU A 248 -10.65 -7.69 10.82
CA GLU A 248 -9.39 -7.05 11.17
C GLU A 248 -8.32 -8.09 11.50
N ASP A 249 -8.68 -9.12 12.27
CA ASP A 249 -7.72 -10.15 12.64
C ASP A 249 -7.30 -10.97 11.43
N ARG A 250 -8.24 -11.26 10.53
CA ARG A 250 -7.92 -12.06 9.35
C ARG A 250 -6.93 -11.33 8.45
N ASN A 251 -7.23 -10.08 8.12
CA ASN A 251 -6.40 -9.34 7.19
C ASN A 251 -5.04 -8.99 7.78
N ASP A 252 -4.91 -9.02 9.11
CA ASP A 252 -3.59 -8.84 9.73
C ASP A 252 -2.67 -10.01 9.40
N ARG A 253 -3.18 -11.24 9.48
CA ARG A 253 -2.38 -12.38 9.08
C ARG A 253 -2.11 -12.38 7.58
N LEU A 254 -3.09 -11.92 6.79
CA LEU A 254 -2.90 -11.91 5.35
C LEU A 254 -1.86 -10.88 4.91
N ARG A 255 -1.91 -9.68 5.49
CA ARG A 255 -0.90 -8.67 5.19
C ARG A 255 0.47 -9.07 5.72
N ASP A 256 0.52 -9.76 6.86
CA ASP A 256 1.80 -10.13 7.45
C ASP A 256 2.47 -11.26 6.68
N SER A 257 1.72 -12.31 6.34
CA SER A 257 2.31 -13.49 5.75
C SER A 257 2.28 -13.49 4.23
N TYR A 258 1.31 -12.81 3.61
CA TYR A 258 1.15 -12.85 2.17
C TYR A 258 1.12 -11.50 1.49
N PHE A 259 1.22 -10.40 2.24
CA PHE A 259 1.42 -9.06 1.67
C PHE A 259 0.25 -8.66 0.77
N PHE A 260 -0.97 -8.80 1.30
CA PHE A 260 -2.17 -8.35 0.59
C PHE A 260 -3.29 -8.20 1.61
N THR A 261 -4.36 -7.52 1.19
CA THR A 261 -5.56 -7.36 2.00
C THR A 261 -6.74 -7.90 1.23
N CYS A 262 -7.40 -8.90 1.82
CA CYS A 262 -8.57 -9.59 1.21
C CYS A 262 -9.69 -8.57 0.94
N GLU A 263 -10.33 -8.69 -0.22
CA GLU A 263 -11.43 -7.76 -0.60
C GLU A 263 -12.62 -8.57 -1.09
N CYS A 264 -13.00 -9.63 -0.36
CA CYS A 264 -14.14 -10.44 -0.76
C CYS A 264 -15.41 -9.88 -0.13
N GLN A 265 -16.52 -10.61 -0.26
CA GLN A 265 -17.81 -10.12 0.29
C GLN A 265 -17.71 -9.96 1.82
N GLU A 266 -17.13 -10.94 2.50
CA GLU A 266 -17.10 -10.87 3.96
C GLU A 266 -16.24 -9.70 4.45
N CYS A 267 -15.05 -9.55 3.83
CA CYS A 267 -14.05 -8.53 4.26
C CYS A 267 -14.52 -7.09 3.96
N THR A 268 -15.41 -6.91 2.99
CA THR A 268 -15.86 -5.54 2.62
C THR A 268 -17.13 -5.15 3.40
N THR A 269 -18.00 -6.11 3.70
CA THR A 269 -19.25 -5.82 4.39
C THR A 269 -19.20 -6.07 5.89
N LYS A 270 -18.25 -6.87 6.37
CA LYS A 270 -18.12 -7.20 7.79
C LYS A 270 -19.43 -7.75 8.35
N ASP A 271 -19.97 -8.73 7.64
CA ASP A 271 -21.26 -9.30 8.02
C ASP A 271 -21.16 -10.06 9.34
N LYS A 272 -20.19 -10.97 9.46
CA LYS A 272 -20.04 -11.78 10.65
C LYS A 272 -19.27 -11.09 11.76
N ASP A 273 -18.81 -9.85 11.56
CA ASP A 273 -18.07 -9.15 12.61
C ASP A 273 -18.96 -8.84 13.81
N LYS A 274 -20.27 -8.74 13.61
CA LYS A 274 -21.17 -8.51 14.74
C LYS A 274 -21.26 -9.76 15.62
N ALA A 275 -21.49 -10.92 15.01
CA ALA A 275 -21.65 -12.15 15.78
C ALA A 275 -20.32 -12.63 16.36
N LYS A 276 -19.20 -12.35 15.68
CA LYS A 276 -17.91 -12.83 16.17
C LYS A 276 -17.43 -12.01 17.36
N VAL A 277 -17.60 -10.69 17.32
CA VAL A 277 -17.28 -9.84 18.46
C VAL A 277 -18.55 -9.65 19.27
N GLU A 278 -19.19 -10.76 19.63
CA GLU A 278 -20.45 -10.71 20.36
C GLU A 278 -20.23 -10.17 21.76
N ILE A 279 -21.10 -9.25 22.17
CA ILE A 279 -21.03 -8.59 23.47
C ILE A 279 -22.28 -8.97 24.26
N ARG A 280 -22.12 -9.15 25.57
CA ARG A 280 -23.27 -9.48 26.41
C ARG A 280 -24.04 -8.21 26.71
N LYS A 281 -25.35 -8.25 26.42
CA LYS A 281 -26.20 -7.08 26.59
C LYS A 281 -26.85 -7.08 27.97
N LEU A 282 -25.99 -6.95 28.98
CA LEU A 282 -26.43 -6.68 30.34
C LEU A 282 -27.10 -5.30 30.43
N SER A 283 -27.78 -5.08 31.56
CA SER A 283 -28.56 -3.86 31.81
C SER A 283 -27.85 -2.58 31.41
N ASP A 284 -26.57 -2.46 31.76
CA ASP A 284 -25.77 -1.30 31.37
C ASP A 284 -24.83 -1.69 30.23
N PRO A 285 -25.14 -1.35 28.98
CA PRO A 285 -24.33 -1.82 27.85
C PRO A 285 -22.89 -1.33 27.95
N PRO A 286 -21.92 -2.21 27.70
CA PRO A 286 -20.51 -1.81 27.80
C PRO A 286 -20.17 -0.69 26.82
N LYS A 287 -19.47 0.32 27.32
CA LYS A 287 -19.05 1.43 26.47
C LYS A 287 -18.11 0.95 25.37
N ALA A 288 -17.97 1.78 24.34
CA ALA A 288 -17.13 1.40 23.20
C ALA A 288 -15.67 1.26 23.61
N GLU A 289 -15.18 2.15 24.48
CA GLU A 289 -13.80 2.05 24.92
C GLU A 289 -13.56 0.79 25.75
N ALA A 290 -14.56 0.36 26.53
CA ALA A 290 -14.43 -0.89 27.26
C ALA A 290 -14.38 -2.10 26.31
N ILE A 291 -14.96 -1.98 25.13
CA ILE A 291 -14.90 -3.06 24.14
C ILE A 291 -13.55 -3.08 23.44
N ARG A 292 -13.04 -1.91 23.03
CA ARG A 292 -11.73 -1.85 22.40
C ARG A 292 -10.64 -2.38 23.32
N ASP A 293 -10.78 -2.14 24.63
CA ASP A 293 -9.76 -2.60 25.58
C ASP A 293 -9.80 -4.12 25.71
N MET A 294 -11.00 -4.71 25.75
CA MET A 294 -11.09 -6.16 25.92
C MET A 294 -10.65 -6.89 24.65
N VAL A 295 -10.98 -6.34 23.47
CA VAL A 295 -10.57 -6.96 22.21
C VAL A 295 -9.05 -6.95 22.09
N ARG A 296 -8.43 -5.80 22.38
CA ARG A 296 -6.97 -5.72 22.38
C ARG A 296 -6.38 -6.65 23.43
N TYR A 297 -7.05 -6.78 24.58
CA TYR A 297 -6.62 -7.72 25.60
C TYR A 297 -6.75 -9.17 25.12
N ALA A 298 -7.83 -9.48 24.40
CA ALA A 298 -8.04 -10.85 23.94
C ALA A 298 -7.01 -11.25 22.90
N ARG A 299 -6.66 -10.34 21.99
CA ARG A 299 -5.66 -10.69 20.97
C ARG A 299 -4.27 -10.85 21.57
N ASN A 300 -3.96 -10.13 22.65
CA ASN A 300 -2.65 -10.26 23.27
C ASN A 300 -2.51 -11.59 24.02
N VAL A 301 -3.53 -11.96 24.80
CA VAL A 301 -3.45 -13.20 25.56
C VAL A 301 -3.48 -14.41 24.64
N ILE A 302 -4.09 -14.27 23.46
CA ILE A 302 -4.04 -15.35 22.48
C ILE A 302 -2.63 -15.56 21.97
N GLU A 303 -1.91 -14.47 21.72
CA GLU A 303 -0.51 -14.59 21.33
C GLU A 303 0.37 -14.96 22.52
N GLU A 304 -0.01 -14.54 23.73
CA GLU A 304 0.73 -14.92 24.92
C GLU A 304 0.64 -16.43 25.15
N PHE A 305 -0.51 -17.03 24.85
CA PHE A 305 -0.66 -18.47 25.01
C PHE A 305 0.18 -19.24 24.00
N ARG A 306 0.40 -18.67 22.81
CA ARG A 306 1.22 -19.35 21.81
C ARG A 306 2.67 -19.47 22.28
N ARG A 307 3.18 -18.42 22.91
CA ARG A 307 4.54 -18.47 23.46
C ARG A 307 4.60 -19.34 24.71
N ALA A 308 3.53 -19.37 25.49
CA ALA A 308 3.55 -20.10 26.75
C ALA A 308 3.64 -21.61 26.53
N LYS A 309 3.03 -22.12 25.45
CA LYS A 309 3.01 -23.56 25.21
C LYS A 309 4.41 -24.12 25.05
N HIS A 310 5.36 -23.31 24.58
CA HIS A 310 6.69 -23.81 24.29
C HIS A 310 7.48 -24.16 25.55
N TYR A 311 7.09 -23.64 26.71
CA TYR A 311 7.93 -23.84 27.89
C TYR A 311 7.15 -23.87 29.22
N LYS A 312 5.83 -23.95 29.21
CA LYS A 312 5.07 -23.91 30.46
C LYS A 312 4.37 -25.23 30.70
N SER A 313 4.11 -25.51 31.97
CA SER A 313 3.47 -26.76 32.35
C SER A 313 2.02 -26.76 31.92
N PRO A 314 1.43 -27.93 31.69
CA PRO A 314 0.01 -27.97 31.31
C PRO A 314 -0.91 -27.34 32.34
N SER A 315 -0.61 -27.51 33.63
CA SER A 315 -1.43 -26.89 34.66
C SER A 315 -1.36 -25.37 34.61
N GLU A 316 -0.24 -24.82 34.13
CA GLU A 316 -0.14 -23.37 33.98
C GLU A 316 -0.80 -22.87 32.71
N LEU A 317 -0.81 -23.68 31.64
CA LEU A 317 -1.52 -23.29 30.44
C LEU A 317 -3.03 -23.23 30.69
N LEU A 318 -3.56 -24.18 31.46
CA LEU A 318 -4.97 -24.16 31.83
C LEU A 318 -5.30 -22.96 32.69
N GLU A 319 -4.33 -22.46 33.46
CA GLU A 319 -4.57 -21.29 34.28
C GLU A 319 -4.66 -20.02 33.45
N ILE A 320 -3.97 -19.97 32.30
CA ILE A 320 -4.09 -18.83 31.41
C ILE A 320 -5.49 -18.74 30.82
N CYS A 321 -6.06 -19.89 30.45
CA CYS A 321 -7.39 -19.91 29.88
C CYS A 321 -8.44 -19.49 30.91
N GLU A 322 -8.45 -20.15 32.06
CA GLU A 322 -9.48 -19.89 33.06
C GLU A 322 -9.40 -18.48 33.61
N LEU A 323 -8.20 -17.89 33.66
CA LEU A 323 -8.07 -16.50 34.08
C LEU A 323 -8.56 -15.54 32.99
N SER A 324 -8.19 -15.82 31.74
CA SER A 324 -8.62 -14.95 30.64
C SER A 324 -10.13 -15.03 30.43
N GLN A 325 -10.70 -16.23 30.58
CA GLN A 325 -12.14 -16.38 30.42
C GLN A 325 -12.90 -15.55 31.44
N GLU A 326 -12.39 -15.45 32.66
CA GLU A 326 -13.04 -14.64 33.68
C GLU A 326 -13.03 -13.16 33.30
N LYS A 327 -11.87 -12.65 32.89
CA LYS A 327 -11.76 -11.25 32.51
C LYS A 327 -12.60 -10.93 31.28
N MET A 328 -12.67 -11.86 30.32
CA MET A 328 -13.44 -11.61 29.11
C MET A 328 -14.93 -11.80 29.33
N SER A 329 -15.33 -12.68 30.26
CA SER A 329 -16.76 -12.93 30.48
C SER A 329 -17.50 -11.71 30.98
N SER A 330 -16.80 -10.69 31.48
CA SER A 330 -17.46 -9.48 31.91
C SER A 330 -18.07 -8.71 30.74
N VAL A 331 -17.46 -8.80 29.55
CA VAL A 331 -17.91 -8.07 28.38
C VAL A 331 -18.38 -9.00 27.27
N PHE A 332 -17.69 -10.11 27.06
CA PHE A 332 -17.96 -11.00 25.94
C PHE A 332 -18.95 -12.09 26.31
N GLU A 333 -19.86 -12.39 25.39
CA GLU A 333 -20.72 -13.57 25.51
C GLU A 333 -19.91 -14.83 25.22
N ASP A 334 -20.42 -15.97 25.70
CA ASP A 334 -19.71 -17.23 25.52
C ASP A 334 -19.61 -17.64 24.05
N SER A 335 -20.39 -17.02 23.17
CA SER A 335 -20.28 -17.31 21.74
C SER A 335 -19.20 -16.48 21.05
N ASN A 336 -18.57 -15.55 21.77
CA ASN A 336 -17.50 -14.75 21.19
C ASN A 336 -16.36 -15.65 20.75
N VAL A 337 -15.75 -15.31 19.60
CA VAL A 337 -14.71 -16.18 19.05
C VAL A 337 -13.46 -16.15 19.93
N TYR A 338 -13.22 -15.07 20.67
CA TYR A 338 -12.09 -15.02 21.58
C TYR A 338 -12.32 -15.91 22.80
N MET A 339 -13.53 -15.89 23.36
CA MET A 339 -13.88 -16.84 24.41
C MET A 339 -13.77 -18.27 23.90
N LEU A 340 -14.23 -18.52 22.67
CA LEU A 340 -14.19 -19.86 22.12
C LEU A 340 -12.76 -20.33 21.91
N HIS A 341 -11.88 -19.43 21.47
CA HIS A 341 -10.50 -19.82 21.21
C HIS A 341 -9.81 -20.28 22.49
N MET A 342 -9.93 -19.50 23.56
CA MET A 342 -9.33 -19.89 24.83
C MET A 342 -9.94 -21.19 25.34
N MET A 343 -11.26 -21.35 25.20
CA MET A 343 -11.89 -22.61 25.59
C MET A 343 -11.42 -23.77 24.73
N TYR A 344 -11.12 -23.51 23.46
CA TYR A 344 -10.59 -24.56 22.61
C TYR A 344 -9.17 -24.95 23.03
N GLN A 345 -8.35 -23.97 23.38
CA GLN A 345 -7.00 -24.28 23.86
C GLN A 345 -7.06 -25.06 25.17
N ALA A 346 -7.99 -24.67 26.06
CA ALA A 346 -8.15 -25.41 27.31
C ALA A 346 -8.58 -26.85 27.04
N MET A 347 -9.41 -27.05 26.02
CA MET A 347 -9.82 -28.41 25.66
C MET A 347 -8.63 -29.24 25.19
N GLY A 348 -7.72 -28.62 24.43
CA GLY A 348 -6.57 -29.36 23.93
C GLY A 348 -5.57 -29.70 25.02
N VAL A 349 -5.44 -28.83 26.02
CA VAL A 349 -4.53 -29.12 27.12
C VAL A 349 -5.09 -30.25 27.98
N CYS A 350 -6.40 -30.25 28.23
CA CYS A 350 -7.02 -31.34 28.96
C CYS A 350 -6.87 -32.66 28.21
N ALA A 351 -6.94 -32.62 26.89
CA ALA A 351 -6.76 -33.85 26.12
C ALA A 351 -5.33 -34.37 26.20
N TYR A 352 -4.36 -33.48 26.44
CA TYR A 352 -2.99 -33.95 26.58
C TYR A 352 -2.74 -34.53 27.98
N MET A 353 -3.29 -33.87 29.01
CA MET A 353 -3.25 -34.43 30.35
C MET A 353 -4.13 -35.66 30.52
N GLN A 354 -4.78 -36.10 29.44
CA GLN A 354 -5.70 -37.23 29.46
C GLN A 354 -6.85 -37.02 30.44
N ASP A 355 -7.22 -35.77 30.67
CA ASP A 355 -8.43 -35.41 31.41
C ASP A 355 -9.57 -35.25 30.42
N ALA A 356 -9.97 -36.39 29.84
CA ALA A 356 -10.97 -36.37 28.78
C ALA A 356 -12.32 -35.87 29.28
N GLU A 357 -12.65 -36.11 30.54
CA GLU A 357 -13.89 -35.60 31.09
C GLU A 357 -13.89 -34.07 31.11
N GLY A 358 -12.76 -33.46 31.50
CA GLY A 358 -12.67 -32.02 31.49
C GLY A 358 -12.64 -31.43 30.10
N ALA A 359 -12.11 -32.17 29.13
CA ALA A 359 -12.06 -31.68 27.75
C ALA A 359 -13.43 -31.75 27.10
N LEU A 360 -14.23 -32.77 27.42
CA LEU A 360 -15.58 -32.87 26.88
C LEU A 360 -16.47 -31.74 27.39
N GLN A 361 -16.25 -31.28 28.63
CA GLN A 361 -17.02 -30.16 29.12
C GLN A 361 -16.71 -28.89 28.34
N TYR A 362 -15.45 -28.73 27.91
CA TYR A 362 -15.11 -27.62 27.03
C TYR A 362 -15.59 -27.87 25.60
N GLY A 363 -15.41 -29.09 25.10
CA GLY A 363 -15.76 -29.37 23.70
C GLY A 363 -17.23 -29.16 23.41
N GLN A 364 -18.11 -29.75 24.24
CA GLN A 364 -19.54 -29.59 24.03
C GLN A 364 -19.99 -28.15 24.22
N LYS A 365 -19.33 -27.41 25.12
CA LYS A 365 -19.71 -26.02 25.35
C LYS A 365 -19.52 -25.17 24.10
N ILE A 366 -18.43 -25.41 23.37
CA ILE A 366 -18.03 -24.53 22.28
C ILE A 366 -18.45 -25.02 20.90
N ILE A 367 -18.80 -26.30 20.76
CA ILE A 367 -19.01 -26.88 19.43
C ILE A 367 -20.14 -26.17 18.69
N LYS A 368 -21.23 -25.87 19.40
CA LYS A 368 -22.37 -25.24 18.72
C LYS A 368 -22.04 -23.83 18.23
N PRO A 369 -21.51 -22.92 19.06
CA PRO A 369 -21.15 -21.60 18.52
C PRO A 369 -19.98 -21.66 17.56
N TYR A 370 -19.11 -22.65 17.69
CA TYR A 370 -17.93 -22.75 16.82
C TYR A 370 -18.34 -22.94 15.37
N SER A 371 -19.23 -23.89 15.11
CA SER A 371 -19.57 -24.23 13.72
C SER A 371 -20.31 -23.11 13.01
N LYS A 372 -21.05 -22.28 13.75
CA LYS A 372 -21.85 -21.24 13.10
C LYS A 372 -21.01 -20.10 12.53
N HIS A 373 -19.72 -20.02 12.88
CA HIS A 373 -18.83 -19.00 12.36
C HIS A 373 -18.02 -19.45 11.15
N TYR A 374 -18.22 -20.68 10.68
CA TYR A 374 -17.44 -21.27 9.60
C TYR A 374 -18.33 -21.56 8.40
N PRO A 375 -17.73 -21.78 7.22
CA PRO A 375 -18.51 -22.24 6.07
C PRO A 375 -19.16 -23.59 6.33
N LEU A 376 -19.99 -24.00 5.37
CA LEU A 376 -20.75 -25.25 5.53
C LEU A 376 -19.83 -26.44 5.70
N TYR A 377 -18.87 -26.61 4.80
CA TYR A 377 -17.92 -27.71 4.88
C TYR A 377 -16.56 -27.12 5.23
N SER A 378 -16.21 -27.14 6.51
CA SER A 378 -14.96 -26.59 7.01
C SER A 378 -14.20 -27.66 7.77
N LEU A 379 -12.90 -27.76 7.49
CA LEU A 379 -12.08 -28.75 8.19
C LEU A 379 -11.91 -28.42 9.66
N ASN A 380 -11.98 -27.13 10.02
CA ASN A 380 -11.91 -26.76 11.42
C ASN A 380 -13.10 -27.31 12.20
N VAL A 381 -14.26 -27.37 11.56
CA VAL A 381 -15.44 -27.92 12.22
C VAL A 381 -15.40 -29.44 12.19
N ALA A 382 -14.97 -30.02 11.07
CA ALA A 382 -14.90 -31.48 10.99
C ALA A 382 -13.92 -32.05 12.01
N SER A 383 -12.74 -31.44 12.12
CA SER A 383 -11.76 -31.94 13.08
C SER A 383 -12.25 -31.74 14.51
N MET A 384 -12.94 -30.64 14.79
CA MET A 384 -13.52 -30.44 16.12
C MET A 384 -14.52 -31.54 16.45
N TRP A 385 -15.38 -31.90 15.49
CA TRP A 385 -16.30 -33.02 15.70
C TRP A 385 -15.57 -34.33 15.87
N LEU A 386 -14.40 -34.49 15.22
CA LEU A 386 -13.62 -35.71 15.37
C LEU A 386 -12.99 -35.78 16.76
N LYS A 387 -12.37 -34.69 17.21
CA LYS A 387 -11.76 -34.68 18.54
C LYS A 387 -12.79 -34.91 19.62
N LEU A 388 -13.90 -34.19 19.56
CA LEU A 388 -15.01 -34.44 20.49
C LEU A 388 -15.55 -35.85 20.31
N GLY A 389 -15.52 -36.37 19.08
CA GLY A 389 -16.04 -37.71 18.84
C GLY A 389 -15.18 -38.78 19.48
N ARG A 390 -13.87 -38.74 19.24
CA ARG A 390 -13.01 -39.82 19.72
C ARG A 390 -12.86 -39.80 21.24
N LEU A 391 -12.99 -38.63 21.87
CA LEU A 391 -13.00 -38.58 23.32
C LEU A 391 -14.18 -39.35 23.90
N TYR A 392 -15.35 -39.24 23.27
CA TYR A 392 -16.50 -40.02 23.71
C TYR A 392 -16.28 -41.52 23.54
N MET A 393 -15.64 -41.92 22.45
CA MET A 393 -15.43 -43.35 22.20
C MET A 393 -14.45 -43.97 23.19
N GLY A 394 -13.53 -43.17 23.73
CA GLY A 394 -12.63 -43.67 24.75
C GLY A 394 -13.28 -43.84 26.10
N LEU A 395 -14.32 -43.05 26.37
CA LEU A 395 -15.08 -43.14 27.61
C LEU A 395 -16.32 -44.01 27.47
N GLU A 396 -16.43 -44.78 26.39
CA GLU A 396 -17.55 -45.69 26.15
C GLU A 396 -18.88 -44.96 26.08
N HIS A 397 -18.84 -43.68 25.68
CA HIS A 397 -20.05 -42.92 25.39
C HIS A 397 -20.38 -43.02 23.89
N LYS A 398 -20.64 -44.26 23.45
CA LYS A 398 -20.80 -44.51 22.03
C LYS A 398 -22.06 -43.88 21.46
N ALA A 399 -23.00 -43.47 22.31
CA ALA A 399 -24.17 -42.73 21.84
C ALA A 399 -23.75 -41.38 21.27
N ALA A 400 -23.28 -40.49 22.13
CA ALA A 400 -22.79 -39.18 21.68
C ALA A 400 -21.48 -39.28 20.91
N GLY A 401 -20.85 -40.45 20.88
CA GLY A 401 -19.61 -40.63 20.14
C GLY A 401 -19.83 -40.80 18.65
N GLU A 402 -20.62 -41.80 18.26
CA GLU A 402 -20.94 -41.99 16.86
C GLU A 402 -21.78 -40.85 16.31
N LYS A 403 -22.53 -40.15 17.16
CA LYS A 403 -23.28 -38.99 16.69
C LYS A 403 -22.33 -37.85 16.30
N ALA A 404 -21.26 -37.67 17.06
CA ALA A 404 -20.27 -36.66 16.69
C ALA A 404 -19.41 -37.11 15.52
N LEU A 405 -19.17 -38.42 15.39
CA LEU A 405 -18.37 -38.91 14.28
C LEU A 405 -19.11 -38.78 12.96
N LYS A 406 -20.42 -38.99 12.96
CA LYS A 406 -21.19 -38.85 11.73
C LYS A 406 -21.23 -37.40 11.25
N LYS A 407 -21.10 -36.44 12.18
CA LYS A 407 -21.03 -35.04 11.76
C LYS A 407 -19.74 -34.76 11.00
N ALA A 408 -18.63 -35.33 11.46
CA ALA A 408 -17.37 -35.15 10.75
C ALA A 408 -17.41 -35.87 9.40
N ILE A 409 -17.96 -37.09 9.37
CA ILE A 409 -18.05 -37.84 8.12
C ILE A 409 -18.89 -37.08 7.10
N ALA A 410 -19.97 -36.43 7.57
CA ALA A 410 -20.82 -35.66 6.67
C ALA A 410 -20.03 -34.56 5.98
N ILE A 411 -19.20 -33.84 6.74
CA ILE A 411 -18.42 -32.75 6.15
C ILE A 411 -17.21 -33.31 5.39
N MET A 412 -16.58 -34.36 5.92
CA MET A 412 -15.35 -34.85 5.30
C MET A 412 -15.62 -35.56 3.98
N GLU A 413 -16.80 -36.17 3.82
CA GLU A 413 -17.12 -36.83 2.54
C GLU A 413 -17.17 -35.83 1.40
N VAL A 414 -17.36 -34.55 1.68
CA VAL A 414 -17.31 -33.52 0.65
C VAL A 414 -15.89 -33.00 0.45
N ALA A 415 -15.16 -32.77 1.55
CA ALA A 415 -13.81 -32.22 1.46
C ALA A 415 -12.80 -33.28 1.01
N HIS A 416 -12.72 -34.39 1.76
CA HIS A 416 -11.78 -35.45 1.43
C HIS A 416 -12.30 -36.39 0.34
N GLY A 417 -13.61 -36.50 0.19
CA GLY A 417 -14.21 -37.46 -0.71
C GLY A 417 -14.65 -38.73 0.02
N LYS A 418 -15.55 -39.47 -0.63
CA LYS A 418 -16.12 -40.66 -0.01
C LYS A 418 -15.16 -41.86 -0.03
N ASP A 419 -14.18 -41.86 -0.93
CA ASP A 419 -13.21 -42.94 -1.03
C ASP A 419 -11.96 -42.69 -0.21
N HIS A 420 -11.88 -41.58 0.51
CA HIS A 420 -10.66 -41.21 1.21
C HIS A 420 -10.38 -42.19 2.35
N PRO A 421 -9.10 -42.49 2.62
CA PRO A 421 -8.78 -43.40 3.73
C PRO A 421 -9.24 -42.91 5.08
N TYR A 422 -9.26 -41.59 5.32
CA TYR A 422 -9.76 -41.08 6.60
C TYR A 422 -11.21 -41.46 6.82
N ILE A 423 -12.01 -41.55 5.74
CA ILE A 423 -13.41 -41.93 5.87
C ILE A 423 -13.53 -43.39 6.28
N SER A 424 -12.57 -44.24 5.87
CA SER A 424 -12.65 -45.65 6.23
C SER A 424 -12.32 -45.86 7.70
N GLU A 425 -11.30 -45.18 8.21
CA GLU A 425 -10.88 -45.41 9.59
C GLU A 425 -11.92 -44.91 10.58
N ILE A 426 -12.66 -43.85 10.24
CA ILE A 426 -13.67 -43.34 11.16
C ILE A 426 -14.89 -44.25 11.16
N LYS A 427 -15.26 -44.80 9.99
CA LYS A 427 -16.27 -45.84 9.96
C LYS A 427 -15.81 -47.07 10.72
N GLN A 428 -14.52 -47.39 10.65
CA GLN A 428 -13.98 -48.54 11.38
C GLN A 428 -13.97 -48.31 12.89
N GLU A 429 -14.00 -47.06 13.34
CA GLU A 429 -14.07 -46.77 14.77
C GLU A 429 -15.48 -46.92 15.32
N ILE A 430 -16.50 -46.75 14.48
CA ILE A 430 -17.87 -46.98 14.93
C ILE A 430 -18.18 -48.47 14.94
N GLU A 431 -17.51 -49.26 14.08
CA GLU A 431 -17.74 -50.70 14.04
C GLU A 431 -17.13 -51.41 15.24
N SER A 432 -16.15 -50.80 15.90
CA SER A 432 -15.47 -51.44 17.03
C SER A 432 -16.40 -51.44 18.24
N HIS A 433 -16.82 -52.63 18.65
CA HIS A 433 -17.70 -52.77 19.80
C HIS A 433 -16.97 -53.39 20.99
N GLY B 5 -16.30 21.74 -28.25
CA GLY B 5 -15.39 22.87 -28.08
C GLY B 5 -15.91 23.92 -27.13
N LEU B 6 -15.01 24.50 -26.33
CA LEU B 6 -15.38 25.53 -25.38
C LEU B 6 -15.76 26.81 -26.10
N GLY B 7 -16.92 27.38 -25.72
CA GLY B 7 -17.38 28.59 -26.36
C GLY B 7 -16.48 29.78 -26.06
N GLY B 8 -16.24 30.59 -27.09
CA GLY B 8 -15.39 31.76 -26.97
C GLY B 8 -13.91 31.50 -27.13
N LEU B 9 -13.49 30.24 -27.19
CA LEU B 9 -12.09 29.87 -27.33
C LEU B 9 -11.95 28.85 -28.46
N GLU B 10 -10.76 28.80 -29.04
CA GLU B 10 -10.50 27.84 -30.11
C GLU B 10 -9.06 27.36 -30.02
N ARG B 11 -8.88 26.06 -30.28
CA ARG B 11 -7.53 25.49 -30.37
C ARG B 11 -6.91 25.85 -31.71
N PHE B 12 -5.62 26.18 -31.68
CA PHE B 12 -4.92 26.59 -32.89
C PHE B 12 -3.45 26.27 -32.74
N CYS B 13 -2.71 26.40 -33.84
CA CYS B 13 -1.29 26.14 -33.87
C CYS B 13 -0.55 27.47 -33.86
N SER B 14 0.05 27.79 -32.73
CA SER B 14 0.80 29.03 -32.61
C SER B 14 2.15 28.88 -33.29
N PRO B 15 2.51 29.78 -34.21
CA PRO B 15 3.80 29.66 -34.89
C PRO B 15 4.98 29.68 -33.93
N GLY B 16 5.65 28.54 -33.80
CA GLY B 16 6.80 28.43 -32.92
C GLY B 16 6.53 27.86 -31.56
N LYS B 17 5.26 27.65 -31.20
CA LYS B 17 4.89 27.14 -29.89
C LYS B 17 3.99 25.91 -29.98
N GLY B 18 3.99 25.22 -31.11
CA GLY B 18 3.12 24.08 -31.30
C GLY B 18 1.66 24.49 -31.27
N ARG B 19 0.88 23.90 -30.38
CA ARG B 19 -0.53 24.22 -30.24
C ARG B 19 -0.73 25.20 -29.09
N GLY B 20 -1.88 25.87 -29.10
CA GLY B 20 -2.19 26.85 -28.08
C GLY B 20 -3.67 27.13 -28.04
N LEU B 21 -4.03 28.05 -27.16
CA LEU B 21 -5.43 28.48 -27.00
C LEU B 21 -5.57 29.91 -27.47
N ARG B 22 -6.61 30.17 -28.26
CA ARG B 22 -6.86 31.48 -28.83
C ARG B 22 -8.30 31.91 -28.53
N ALA B 23 -8.48 33.19 -28.24
CA ALA B 23 -9.78 33.73 -27.86
C ALA B 23 -10.55 34.21 -29.08
N LEU B 24 -11.87 34.06 -29.02
CA LEU B 24 -12.76 34.49 -30.08
C LEU B 24 -13.65 35.68 -29.70
N GLN B 25 -13.89 35.90 -28.42
CA GLN B 25 -14.67 37.01 -27.91
C GLN B 25 -13.83 37.80 -26.91
N PRO B 26 -14.11 39.10 -26.72
CA PRO B 26 -13.34 39.88 -25.76
C PRO B 26 -13.60 39.44 -24.33
N PHE B 27 -12.54 39.46 -23.52
CA PHE B 27 -12.60 39.07 -22.11
C PHE B 27 -12.04 40.18 -21.24
N GLN B 28 -12.78 40.55 -20.20
CA GLN B 28 -12.36 41.60 -19.29
C GLN B 28 -11.60 41.00 -18.11
N VAL B 29 -10.90 41.87 -17.39
CA VAL B 29 -10.12 41.45 -16.22
C VAL B 29 -11.08 40.89 -15.16
N GLY B 30 -10.99 39.59 -14.92
CA GLY B 30 -11.85 38.90 -13.99
C GLY B 30 -12.86 37.96 -14.61
N ASP B 31 -12.96 37.94 -15.94
CA ASP B 31 -13.91 37.06 -16.62
C ASP B 31 -13.40 35.62 -16.61
N LEU B 32 -14.28 34.69 -16.28
CA LEU B 32 -13.96 33.27 -16.31
C LEU B 32 -13.91 32.79 -17.76
N LEU B 33 -12.72 32.42 -18.22
CA LEU B 33 -12.60 31.90 -19.57
C LEU B 33 -13.24 30.52 -19.69
N PHE B 34 -12.85 29.60 -18.82
CA PHE B 34 -13.44 28.27 -18.79
C PHE B 34 -13.05 27.60 -17.49
N SER B 35 -13.77 26.53 -17.16
CA SER B 35 -13.46 25.70 -16.01
C SER B 35 -13.23 24.27 -16.48
N CYS B 36 -12.35 23.57 -15.77
CA CYS B 36 -11.95 22.23 -16.18
C CYS B 36 -11.78 21.32 -14.98
N PRO B 37 -12.60 20.27 -14.85
CA PRO B 37 -12.41 19.32 -13.76
C PRO B 37 -11.14 18.52 -13.97
N ALA B 38 -10.58 18.03 -12.87
CA ALA B 38 -9.33 17.29 -12.95
C ALA B 38 -9.55 15.93 -13.62
N TYR B 39 -8.60 15.56 -14.49
CA TYR B 39 -8.63 14.23 -15.09
C TYR B 39 -8.13 13.18 -14.10
N ALA B 40 -6.97 13.42 -13.51
CA ALA B 40 -6.45 12.63 -12.40
C ALA B 40 -5.86 13.59 -11.38
N TYR B 41 -5.91 13.20 -10.11
CA TYR B 41 -5.45 14.08 -9.05
C TYR B 41 -5.07 13.24 -7.83
N VAL B 42 -4.23 13.82 -6.99
CA VAL B 42 -3.76 13.15 -5.78
C VAL B 42 -3.45 14.19 -4.72
N LEU B 43 -3.83 13.89 -3.47
CA LEU B 43 -3.54 14.77 -2.35
C LEU B 43 -2.14 14.50 -1.83
N THR B 44 -1.38 15.58 -1.61
CA THR B 44 -0.02 15.42 -1.12
C THR B 44 -0.03 14.82 0.28
N VAL B 45 1.07 14.16 0.64
CA VAL B 45 1.11 13.40 1.88
C VAL B 45 0.95 14.31 3.10
N ASN B 46 1.59 15.47 3.07
CA ASN B 46 1.64 16.34 4.25
C ASN B 46 0.35 17.10 4.51
N GLU B 47 -0.66 16.98 3.63
CA GLU B 47 -1.94 17.64 3.85
C GLU B 47 -3.05 16.67 4.23
N ARG B 48 -2.71 15.41 4.50
CA ARG B 48 -3.70 14.44 4.94
C ARG B 48 -4.24 14.84 6.31
N GLY B 49 -5.54 14.62 6.50
CA GLY B 49 -6.22 15.04 7.70
C GLY B 49 -6.73 16.46 7.68
N ASN B 50 -6.14 17.32 6.85
CA ASN B 50 -6.60 18.69 6.69
C ASN B 50 -7.52 18.86 5.49
N HIS B 51 -7.35 18.04 4.46
CA HIS B 51 -8.16 18.12 3.25
C HIS B 51 -8.70 16.74 2.91
N CYS B 52 -9.93 16.73 2.37
CA CYS B 52 -10.54 15.48 1.91
C CYS B 52 -9.78 14.94 0.70
N GLU B 53 -9.63 13.61 0.66
CA GLU B 53 -8.88 13.00 -0.43
C GLU B 53 -9.61 13.13 -1.76
N TYR B 54 -10.94 13.11 -1.74
CA TYR B 54 -11.69 13.09 -3.00
C TYR B 54 -11.92 14.50 -3.55
N CYS B 55 -12.24 15.46 -2.70
CA CYS B 55 -12.67 16.78 -3.15
C CYS B 55 -11.83 17.92 -2.59
N PHE B 56 -10.73 17.61 -1.90
CA PHE B 56 -9.77 18.63 -1.45
C PHE B 56 -10.42 19.68 -0.56
N THR B 57 -11.48 19.30 0.14
CA THR B 57 -12.17 20.23 1.03
C THR B 57 -11.42 20.36 2.34
N ARG B 58 -11.00 21.58 2.67
CA ARG B 58 -10.31 21.82 3.94
C ARG B 58 -11.35 21.91 5.05
N LYS B 59 -11.22 21.04 6.05
CA LYS B 59 -12.21 20.93 7.10
C LYS B 59 -11.61 20.14 8.25
N GLU B 60 -11.90 20.56 9.48
CA GLU B 60 -11.48 19.81 10.65
C GLU B 60 -12.49 18.70 10.94
N GLY B 61 -11.99 17.61 11.50
CA GLY B 61 -12.84 16.47 11.79
C GLY B 61 -13.25 15.72 10.53
N LEU B 62 -12.33 14.91 10.02
CA LEU B 62 -12.55 14.15 8.80
C LEU B 62 -12.60 12.66 9.12
N SER B 63 -13.50 11.95 8.46
CA SER B 63 -13.62 10.52 8.69
C SER B 63 -12.37 9.80 8.19
N LYS B 64 -11.80 8.96 9.04
CA LYS B 64 -10.58 8.24 8.71
C LYS B 64 -10.93 6.92 8.03
N CYS B 65 -10.06 6.48 7.13
CA CYS B 65 -10.24 5.20 6.45
C CYS B 65 -9.90 4.07 7.41
N GLY B 66 -10.81 3.10 7.52
CA GLY B 66 -10.64 2.06 8.52
C GLY B 66 -9.43 1.16 8.26
N ARG B 67 -9.16 0.87 7.00
CA ARG B 67 -8.13 -0.12 6.69
C ARG B 67 -6.72 0.45 6.85
N CYS B 68 -6.48 1.65 6.32
CA CYS B 68 -5.13 2.22 6.32
C CYS B 68 -4.93 3.32 7.37
N LYS B 69 -6.00 4.01 7.76
CA LYS B 69 -5.97 5.11 8.74
C LYS B 69 -5.11 6.28 8.30
N GLN B 70 -4.71 6.33 7.02
CA GLN B 70 -3.90 7.43 6.50
C GLN B 70 -4.58 8.08 5.30
N ALA B 71 -5.91 8.12 5.31
CA ALA B 71 -6.69 8.77 4.25
C ALA B 71 -7.98 9.27 4.87
N PHE B 72 -8.25 10.56 4.74
CA PHE B 72 -9.35 11.22 5.42
C PHE B 72 -10.34 11.77 4.41
N TYR B 73 -11.62 11.71 4.75
CA TYR B 73 -12.69 12.16 3.87
C TYR B 73 -13.70 12.97 4.67
N CYS B 74 -14.48 13.77 3.95
CA CYS B 74 -15.55 14.53 4.59
C CYS B 74 -16.60 13.60 5.16
N ASN B 75 -16.91 12.52 4.45
CA ASN B 75 -17.94 11.57 4.88
C ASN B 75 -17.76 10.30 4.03
N VAL B 76 -18.61 9.30 4.30
CA VAL B 76 -18.58 8.08 3.52
C VAL B 76 -18.92 8.32 2.06
N GLU B 77 -19.59 9.44 1.76
CA GLU B 77 -19.86 9.78 0.37
C GLU B 77 -18.57 9.97 -0.41
N CYS B 78 -17.69 10.85 0.07
CA CYS B 78 -16.40 11.06 -0.58
C CYS B 78 -15.47 9.87 -0.44
N GLN B 79 -15.70 9.00 0.55
CA GLN B 79 -14.81 7.86 0.74
C GLN B 79 -14.94 6.85 -0.40
N LYS B 80 -16.15 6.29 -0.58
CA LYS B 80 -16.34 5.33 -1.65
C LYS B 80 -16.25 5.97 -3.04
N GLU B 81 -16.45 7.29 -3.14
CA GLU B 81 -16.29 7.95 -4.43
C GLU B 81 -14.83 8.02 -4.84
N ASP B 82 -13.91 8.04 -3.87
CA ASP B 82 -12.48 8.04 -4.12
C ASP B 82 -11.88 6.64 -4.11
N TRP B 83 -12.69 5.62 -3.81
CA TRP B 83 -12.16 4.27 -3.71
C TRP B 83 -11.60 3.72 -5.03
N PRO B 84 -12.19 3.97 -6.20
CA PRO B 84 -11.54 3.48 -7.44
C PRO B 84 -10.10 3.94 -7.62
N MET B 85 -9.72 5.05 -7.00
CA MET B 85 -8.34 5.52 -7.01
C MET B 85 -7.59 5.22 -5.72
N HIS B 86 -8.27 5.24 -4.58
CA HIS B 86 -7.61 5.02 -3.30
C HIS B 86 -7.15 3.58 -3.13
N LYS B 87 -7.85 2.62 -3.75
CA LYS B 87 -7.48 1.23 -3.58
C LYS B 87 -6.11 0.92 -4.16
N LEU B 88 -5.56 1.80 -5.01
CA LEU B 88 -4.22 1.61 -5.53
C LEU B 88 -3.17 1.77 -4.44
N GLU B 89 -3.48 2.52 -3.38
CA GLU B 89 -2.52 2.80 -2.32
C GLU B 89 -2.97 2.32 -0.95
N CYS B 90 -4.26 2.11 -0.72
CA CYS B 90 -4.75 1.74 0.60
C CYS B 90 -4.05 0.49 1.12
N SER B 91 -4.13 -0.60 0.36
CA SER B 91 -3.48 -1.84 0.82
C SER B 91 -1.96 -1.73 0.83
N PRO B 92 -1.28 -1.25 -0.23
CA PRO B 92 0.19 -1.21 -0.18
C PRO B 92 0.75 -0.30 0.90
N MET B 93 0.01 0.72 1.32
CA MET B 93 0.54 1.61 2.36
C MET B 93 0.71 0.87 3.68
N VAL B 94 -0.16 -0.11 3.97
CA VAL B 94 -0.01 -0.88 5.20
C VAL B 94 1.00 -2.01 5.01
N VAL B 95 1.02 -2.62 3.84
CA VAL B 95 1.94 -3.74 3.57
C VAL B 95 3.38 -3.24 3.55
N PHE B 96 3.63 -2.16 2.82
CA PHE B 96 4.99 -1.62 2.74
C PHE B 96 5.41 -0.89 4.01
N GLY B 97 4.46 -0.28 4.71
CA GLY B 97 4.74 0.40 5.95
C GLY B 97 5.64 1.62 5.83
N GLU B 98 6.77 1.60 6.52
CA GLU B 98 7.72 2.70 6.44
C GLU B 98 8.32 2.82 5.04
N ASN B 99 8.48 1.69 4.34
CA ASN B 99 9.12 1.67 3.03
C ASN B 99 8.24 2.22 1.92
N TRP B 100 7.00 2.60 2.20
CA TRP B 100 6.12 3.17 1.19
C TRP B 100 6.39 4.67 1.09
N ASN B 101 7.11 5.08 0.05
CA ASN B 101 7.39 6.49 -0.19
C ASN B 101 7.64 6.72 -1.68
N PRO B 102 6.61 6.57 -2.50
CA PRO B 102 6.76 6.90 -3.92
C PRO B 102 6.68 8.41 -4.13
N SER B 103 7.38 8.86 -5.17
CA SER B 103 7.32 10.27 -5.51
C SER B 103 5.90 10.65 -5.94
N GLU B 104 5.59 11.94 -5.83
CA GLU B 104 4.25 12.38 -6.19
C GLU B 104 3.98 12.23 -7.68
N THR B 105 5.02 12.35 -8.51
CA THR B 105 4.85 12.12 -9.93
C THR B 105 4.42 10.69 -10.22
N VAL B 106 4.96 9.73 -9.47
CA VAL B 106 4.56 8.33 -9.66
C VAL B 106 3.15 8.11 -9.14
N ARG B 107 2.81 8.76 -8.02
CA ARG B 107 1.44 8.67 -7.51
C ARG B 107 0.44 9.18 -8.54
N LEU B 108 0.72 10.34 -9.13
CA LEU B 108 -0.18 10.90 -10.12
C LEU B 108 -0.22 10.03 -11.38
N THR B 109 0.96 9.54 -11.81
CA THR B 109 1.01 8.71 -13.01
C THR B 109 0.25 7.41 -12.82
N ALA B 110 0.35 6.82 -11.62
CA ALA B 110 -0.35 5.57 -11.34
C ALA B 110 -1.86 5.75 -11.40
N ARG B 111 -2.35 6.94 -11.06
CA ARG B 111 -3.77 7.22 -11.16
C ARG B 111 -4.19 7.54 -12.59
N ILE B 112 -3.28 8.07 -13.41
CA ILE B 112 -3.57 8.27 -14.83
C ILE B 112 -3.83 6.94 -15.51
N LEU B 113 -2.98 5.95 -15.24
CA LEU B 113 -3.20 4.61 -15.80
C LEU B 113 -4.51 4.00 -15.33
N ALA B 114 -4.92 4.31 -14.09
CA ALA B 114 -6.19 3.79 -13.60
C ALA B 114 -7.37 4.46 -14.30
N LYS B 115 -7.28 5.76 -14.55
CA LYS B 115 -8.38 6.46 -15.19
C LYS B 115 -8.55 6.03 -16.65
N GLN B 116 -7.45 5.82 -17.37
CA GLN B 116 -7.54 5.41 -18.77
C GLN B 116 -8.06 3.98 -18.92
N LYS B 117 -7.84 3.12 -17.91
CA LYS B 117 -8.28 1.74 -18.05
C LYS B 117 -9.78 1.59 -17.80
N ILE B 118 -10.37 2.45 -16.98
CA ILE B 118 -11.80 2.41 -16.69
C ILE B 118 -12.56 3.53 -17.39
N HIS B 119 -11.89 4.27 -18.27
CA HIS B 119 -12.54 5.36 -19.01
C HIS B 119 -11.67 5.76 -20.21
N PRO B 120 -11.53 4.88 -21.21
CA PRO B 120 -10.60 5.16 -22.30
C PRO B 120 -11.10 6.20 -23.29
N GLU B 121 -12.32 6.69 -23.15
CA GLU B 121 -12.88 7.64 -24.09
C GLU B 121 -12.62 9.08 -23.62
N ARG B 122 -13.09 10.04 -24.41
CA ARG B 122 -12.88 11.45 -24.08
C ARG B 122 -13.67 11.83 -22.84
N THR B 123 -12.99 12.45 -21.88
CA THR B 123 -13.63 12.98 -20.68
C THR B 123 -14.02 14.43 -20.90
N PRO B 124 -14.95 14.96 -20.10
CA PRO B 124 -15.27 16.39 -20.20
C PRO B 124 -14.11 17.30 -19.81
N SER B 125 -13.01 16.75 -19.31
CA SER B 125 -11.81 17.52 -18.97
C SER B 125 -10.88 17.73 -20.15
N GLU B 126 -11.17 17.13 -21.30
CA GLU B 126 -10.31 17.21 -22.49
C GLU B 126 -11.17 17.55 -23.71
N LYS B 127 -11.89 18.67 -23.61
CA LYS B 127 -12.73 19.12 -24.73
C LYS B 127 -11.91 19.66 -25.89
N LEU B 128 -10.65 20.03 -25.65
CA LEU B 128 -9.80 20.57 -26.71
C LEU B 128 -8.47 19.84 -26.87
N LEU B 129 -8.00 19.12 -25.86
CA LEU B 129 -6.70 18.47 -25.92
C LEU B 129 -6.75 17.21 -25.07
N ALA B 130 -6.70 16.04 -25.72
CA ALA B 130 -6.73 14.78 -25.00
C ALA B 130 -5.39 14.51 -24.31
N VAL B 131 -5.43 13.63 -23.30
CA VAL B 131 -4.23 13.28 -22.56
C VAL B 131 -3.22 12.57 -23.45
N LYS B 132 -3.70 11.76 -24.40
CA LYS B 132 -2.79 11.07 -25.31
C LYS B 132 -1.98 12.05 -26.15
N GLU B 133 -2.53 13.23 -26.43
CA GLU B 133 -1.90 14.23 -27.27
C GLU B 133 -0.90 15.11 -26.53
N PHE B 134 -0.65 14.86 -25.25
CA PHE B 134 0.27 15.69 -24.48
C PHE B 134 1.67 15.65 -25.10
N GLU B 135 2.28 16.82 -25.23
CA GLU B 135 3.64 16.88 -25.73
C GLU B 135 4.58 16.23 -24.72
N SER B 136 5.58 15.52 -25.24
CA SER B 136 6.47 14.72 -24.42
C SER B 136 7.87 15.29 -24.31
N HIS B 137 8.32 16.07 -25.29
CA HIS B 137 9.70 16.56 -25.34
C HIS B 137 10.68 15.40 -25.19
N LEU B 138 10.31 14.24 -25.75
CA LEU B 138 11.12 13.04 -25.63
C LEU B 138 12.44 13.17 -26.38
N ASP B 139 12.44 13.87 -27.52
CA ASP B 139 13.67 14.04 -28.29
C ASP B 139 14.73 14.78 -27.47
N LYS B 140 14.30 15.63 -26.54
CA LYS B 140 15.19 16.53 -25.83
C LYS B 140 15.61 16.00 -24.46
N LEU B 141 15.26 14.76 -24.13
CA LEU B 141 15.60 14.19 -22.83
C LEU B 141 17.08 13.85 -22.77
N ASP B 142 17.78 14.45 -21.82
CA ASP B 142 19.19 14.12 -21.60
C ASP B 142 19.32 12.70 -21.04
N ASN B 143 20.47 12.08 -21.34
CA ASN B 143 20.70 10.71 -20.88
C ASN B 143 20.65 10.61 -19.37
N GLU B 144 21.25 11.59 -18.67
CA GLU B 144 21.13 11.60 -17.22
C GLU B 144 19.70 11.84 -16.78
N LYS B 145 18.93 12.61 -17.55
CA LYS B 145 17.52 12.80 -17.23
C LYS B 145 16.72 11.52 -17.47
N LYS B 146 17.16 10.68 -18.40
CA LYS B 146 16.49 9.40 -18.65
C LYS B 146 16.60 8.47 -17.45
N ASP B 147 17.63 8.65 -16.61
CA ASP B 147 17.78 7.80 -15.44
C ASP B 147 16.78 8.14 -14.36
N LEU B 148 16.34 9.40 -14.26
CA LEU B 148 15.31 9.73 -13.28
C LEU B 148 13.95 9.17 -13.68
N ILE B 149 13.65 9.11 -14.98
CA ILE B 149 12.38 8.53 -15.42
C ILE B 149 12.42 7.01 -15.28
N GLN B 150 13.55 6.39 -15.60
CA GLN B 150 13.67 4.95 -15.40
C GLN B 150 13.60 4.60 -13.93
N SER B 151 14.14 5.46 -13.06
CA SER B 151 14.00 5.26 -11.63
C SER B 151 12.55 5.40 -11.18
N ASP B 152 11.75 6.17 -11.92
CA ASP B 152 10.32 6.28 -11.61
C ASP B 152 9.54 5.10 -12.14
N ILE B 153 9.89 4.59 -13.32
CA ILE B 153 9.24 3.37 -13.82
C ILE B 153 9.54 2.20 -12.90
N ALA B 154 10.77 2.13 -12.39
CA ALA B 154 11.13 1.07 -11.45
C ALA B 154 10.27 1.14 -10.19
N ALA B 155 10.03 2.35 -9.69
CA ALA B 155 9.19 2.50 -8.51
C ALA B 155 7.72 2.27 -8.83
N LEU B 156 7.31 2.55 -10.07
CA LEU B 156 5.92 2.30 -10.45
C LEU B 156 5.62 0.80 -10.40
N HIS B 157 6.48 -0.01 -11.01
CA HIS B 157 6.34 -1.46 -10.89
C HIS B 157 6.54 -1.92 -9.46
N HIS B 158 7.37 -1.21 -8.69
CA HIS B 158 7.69 -1.62 -7.33
C HIS B 158 6.50 -1.46 -6.39
N PHE B 159 5.67 -0.44 -6.60
CA PHE B 159 4.60 -0.12 -5.67
C PHE B 159 3.20 -0.36 -6.21
N TYR B 160 2.98 -0.22 -7.52
CA TYR B 160 1.65 -0.23 -8.10
C TYR B 160 1.46 -1.35 -9.11
N SER B 161 2.11 -2.49 -8.90
CA SER B 161 2.01 -3.61 -9.84
C SER B 161 0.77 -4.46 -9.61
N LYS B 162 -0.02 -4.19 -8.58
CA LYS B 162 -1.11 -5.08 -8.22
C LYS B 162 -2.36 -4.83 -9.08
N HIS B 163 -2.76 -3.57 -9.23
CA HIS B 163 -4.01 -3.22 -9.89
C HIS B 163 -3.83 -2.49 -11.21
N LEU B 164 -2.60 -2.39 -11.72
CA LEU B 164 -2.33 -1.61 -12.92
C LEU B 164 -1.88 -2.52 -14.05
N GLY B 165 -2.38 -2.25 -15.26
CA GLY B 165 -1.90 -2.92 -16.46
C GLY B 165 -0.85 -2.10 -17.17
N PHE B 166 0.41 -2.50 -17.05
CA PHE B 166 1.51 -1.66 -17.54
C PHE B 166 1.71 -1.86 -19.03
N PRO B 167 1.86 -0.78 -19.81
CA PRO B 167 2.26 -0.93 -21.21
C PRO B 167 3.76 -1.18 -21.33
N ASP B 168 4.28 -1.13 -22.56
CA ASP B 168 5.71 -1.26 -22.76
C ASP B 168 6.46 -0.16 -22.02
N ASN B 169 7.71 -0.44 -21.67
CA ASN B 169 8.55 0.58 -21.03
C ASN B 169 8.72 1.80 -21.92
N ASP B 170 8.67 1.60 -23.25
CA ASP B 170 8.70 2.74 -24.16
C ASP B 170 7.47 3.62 -23.96
N SER B 171 6.30 3.00 -23.77
CA SER B 171 5.09 3.78 -23.52
C SER B 171 5.09 4.39 -22.12
N LEU B 172 5.87 3.84 -21.18
CA LEU B 172 5.95 4.40 -19.85
C LEU B 172 6.91 5.59 -19.79
N VAL B 173 7.97 5.57 -20.62
CA VAL B 173 8.88 6.71 -20.67
C VAL B 173 8.13 7.94 -21.19
N VAL B 174 7.37 7.78 -22.28
CA VAL B 174 6.64 8.89 -22.85
C VAL B 174 5.53 9.36 -21.93
N LEU B 175 5.02 8.50 -21.04
CA LEU B 175 3.95 8.92 -20.15
C LEU B 175 4.46 9.83 -19.05
N PHE B 176 5.57 9.45 -18.40
CA PHE B 176 6.14 10.31 -17.36
C PHE B 176 6.64 11.63 -17.94
N ALA B 177 7.16 11.62 -19.17
CA ALA B 177 7.59 12.86 -19.80
C ALA B 177 6.42 13.82 -19.97
N GLN B 178 5.25 13.28 -20.33
CA GLN B 178 4.07 14.13 -20.47
C GLN B 178 3.60 14.66 -19.12
N VAL B 179 3.78 13.87 -18.05
CA VAL B 179 3.38 14.32 -16.73
C VAL B 179 4.27 15.46 -16.26
N ASN B 180 5.58 15.36 -16.48
CA ASN B 180 6.51 16.41 -16.07
C ASN B 180 6.28 17.71 -16.82
N CYS B 181 5.68 17.66 -18.01
CA CYS B 181 5.46 18.86 -18.81
C CYS B 181 4.06 19.45 -18.63
N ASN B 182 3.03 18.60 -18.55
CA ASN B 182 1.64 19.05 -18.50
C ASN B 182 1.05 18.97 -17.11
N GLY B 183 1.85 18.66 -16.09
CA GLY B 183 1.33 18.51 -14.75
C GLY B 183 1.10 19.83 -14.05
N PHE B 184 0.11 19.82 -13.16
CA PHE B 184 -0.24 20.99 -12.35
C PHE B 184 -0.11 20.64 -10.87
N THR B 185 0.23 21.65 -10.08
CA THR B 185 0.31 21.53 -8.63
C THR B 185 -0.76 22.42 -8.02
N ILE B 186 -1.73 21.82 -7.33
CA ILE B 186 -2.79 22.58 -6.70
C ILE B 186 -2.25 23.33 -5.49
N GLU B 187 -2.59 24.60 -5.38
CA GLU B 187 -2.19 25.42 -4.25
C GLU B 187 -3.40 26.04 -3.56
N ASP B 188 -3.22 26.39 -2.29
CA ASP B 188 -4.28 27.00 -1.51
C ASP B 188 -4.19 28.52 -1.63
N GLU B 189 -4.77 29.25 -0.68
CA GLU B 189 -4.73 30.71 -0.73
C GLU B 189 -3.34 31.24 -0.45
N GLU B 190 -2.56 30.56 0.38
CA GLU B 190 -1.19 30.96 0.69
C GLU B 190 -0.18 30.37 -0.28
N LEU B 191 -0.63 29.85 -1.43
CA LEU B 191 0.23 29.22 -2.43
C LEU B 191 1.04 28.08 -1.84
N SER B 192 0.48 27.40 -0.84
CA SER B 192 1.10 26.21 -0.27
C SER B 192 0.66 24.98 -1.05
N HIS B 193 1.57 24.02 -1.18
CA HIS B 193 1.34 22.85 -2.01
C HIS B 193 0.25 21.96 -1.40
N LEU B 194 -0.82 21.73 -2.15
CA LEU B 194 -1.90 20.84 -1.72
C LEU B 194 -1.90 19.51 -2.44
N GLY B 195 -1.34 19.43 -3.64
CA GLY B 195 -1.32 18.18 -4.36
C GLY B 195 -0.96 18.41 -5.82
N SER B 196 -1.14 17.36 -6.61
CA SER B 196 -0.89 17.41 -8.02
C SER B 196 -2.13 16.94 -8.77
N ALA B 197 -2.28 17.41 -10.01
CA ALA B 197 -3.44 17.05 -10.81
C ALA B 197 -3.10 17.20 -12.29
N ILE B 198 -4.02 16.75 -13.12
CA ILE B 198 -3.89 16.83 -14.57
C ILE B 198 -5.14 17.52 -15.10
N PHE B 199 -4.95 18.68 -15.74
CA PHE B 199 -6.05 19.41 -16.37
C PHE B 199 -5.76 19.52 -17.86
N PRO B 200 -6.29 18.62 -18.68
CA PRO B 200 -5.90 18.61 -20.11
C PRO B 200 -6.16 19.92 -20.83
N ASP B 201 -7.38 20.45 -20.75
CA ASP B 201 -7.70 21.68 -21.45
C ASP B 201 -6.91 22.87 -20.90
N VAL B 202 -6.63 22.87 -19.60
CA VAL B 202 -5.85 23.95 -19.02
C VAL B 202 -4.39 23.87 -19.48
N ALA B 203 -3.88 22.65 -19.70
CA ALA B 203 -2.50 22.47 -20.14
C ALA B 203 -2.26 22.97 -21.56
N LEU B 204 -3.33 23.29 -22.32
CA LEU B 204 -3.16 23.70 -23.70
C LEU B 204 -2.56 25.11 -23.80
N MET B 205 -2.77 25.95 -22.79
CA MET B 205 -2.30 27.33 -22.84
C MET B 205 -0.78 27.39 -22.71
N ASN B 206 -0.16 28.24 -23.51
CA ASN B 206 1.29 28.41 -23.51
C ASN B 206 1.71 29.39 -22.43
N HIS B 207 3.01 29.65 -22.36
CA HIS B 207 3.62 30.47 -21.32
C HIS B 207 3.96 31.87 -21.83
N SER B 208 3.86 32.84 -20.94
CA SER B 208 4.35 34.18 -21.19
C SER B 208 4.63 34.85 -19.85
N CYS B 209 5.77 35.54 -19.77
CA CYS B 209 6.14 36.22 -18.53
C CYS B 209 5.25 37.42 -18.23
N CYS B 210 4.39 37.80 -19.18
CA CYS B 210 3.34 38.80 -18.94
C CYS B 210 2.02 38.14 -19.34
N PRO B 211 1.49 37.24 -18.51
CA PRO B 211 0.30 36.47 -18.91
C PRO B 211 -0.96 37.31 -18.84
N ASN B 212 -1.96 36.86 -19.60
CA ASN B 212 -3.27 37.51 -19.61
C ASN B 212 -4.31 36.77 -18.79
N VAL B 213 -4.02 35.55 -18.33
CA VAL B 213 -4.91 34.81 -17.45
C VAL B 213 -4.09 34.17 -16.33
N ILE B 214 -4.79 33.80 -15.26
CA ILE B 214 -4.17 33.11 -14.14
C ILE B 214 -5.06 31.94 -13.76
N VAL B 215 -4.45 30.85 -13.33
CA VAL B 215 -5.16 29.62 -13.01
C VAL B 215 -5.34 29.54 -11.51
N THR B 216 -6.60 29.45 -11.08
CA THR B 216 -6.95 29.23 -9.69
C THR B 216 -7.71 27.91 -9.58
N TYR B 217 -7.93 27.49 -8.35
CA TYR B 217 -8.57 26.21 -8.09
C TYR B 217 -9.71 26.39 -7.10
N LYS B 218 -10.79 25.64 -7.32
CA LYS B 218 -11.95 25.59 -6.42
C LYS B 218 -12.14 24.11 -6.07
N GLY B 219 -11.36 23.63 -5.11
CA GLY B 219 -11.31 22.21 -4.80
C GLY B 219 -10.47 21.47 -5.81
N THR B 220 -11.09 20.56 -6.57
CA THR B 220 -10.40 19.87 -7.65
C THR B 220 -10.67 20.49 -9.01
N LEU B 221 -11.51 21.52 -9.08
CA LEU B 221 -11.83 22.18 -10.32
C LEU B 221 -10.89 23.35 -10.55
N ALA B 222 -10.25 23.37 -11.71
CA ALA B 222 -9.37 24.47 -12.09
C ALA B 222 -10.17 25.54 -12.83
N GLU B 223 -10.03 26.78 -12.38
CA GLU B 223 -10.71 27.92 -12.97
C GLU B 223 -9.69 28.86 -13.61
N VAL B 224 -10.00 29.33 -14.81
CA VAL B 224 -9.13 30.23 -15.56
C VAL B 224 -9.83 31.59 -15.65
N ARG B 225 -9.16 32.64 -15.17
CA ARG B 225 -9.70 33.98 -15.19
C ARG B 225 -8.68 34.94 -15.77
N ALA B 226 -9.16 35.89 -16.55
CA ALA B 226 -8.28 36.84 -17.23
C ALA B 226 -7.73 37.86 -16.25
N VAL B 227 -6.42 38.09 -16.31
CA VAL B 227 -5.77 39.14 -15.53
C VAL B 227 -5.45 40.38 -16.36
N GLN B 228 -5.66 40.33 -17.68
CA GLN B 228 -5.46 41.46 -18.57
C GLN B 228 -6.64 41.56 -19.54
N GLU B 229 -6.59 42.55 -20.42
CA GLU B 229 -7.59 42.68 -21.46
C GLU B 229 -7.26 41.71 -22.60
N ILE B 230 -8.22 40.86 -22.94
CA ILE B 230 -8.04 39.85 -23.99
C ILE B 230 -9.00 40.18 -25.12
N LYS B 231 -8.45 40.47 -26.28
CA LYS B 231 -9.19 40.77 -27.50
C LYS B 231 -9.31 39.53 -28.38
N PRO B 232 -10.34 39.45 -29.21
CA PRO B 232 -10.47 38.30 -30.12
C PRO B 232 -9.26 38.18 -31.03
N GLY B 233 -8.73 36.96 -31.13
CA GLY B 233 -7.56 36.69 -31.93
C GLY B 233 -6.28 36.57 -31.12
N GLU B 234 -6.27 37.04 -29.87
CA GLU B 234 -5.08 36.94 -29.05
C GLU B 234 -4.97 35.56 -28.41
N GLU B 235 -3.73 35.11 -28.27
CA GLU B 235 -3.48 33.81 -27.64
C GLU B 235 -3.55 33.94 -26.13
N VAL B 236 -4.11 32.93 -25.49
CA VAL B 236 -4.28 32.91 -24.04
C VAL B 236 -2.99 32.40 -23.41
N PHE B 237 -2.34 33.23 -22.61
CA PHE B 237 -1.05 32.93 -22.03
C PHE B 237 -1.13 32.84 -20.51
N THR B 238 -0.41 31.88 -19.95
CA THR B 238 -0.27 31.71 -18.50
C THR B 238 1.22 31.85 -18.14
N SER B 239 1.50 31.74 -16.85
CA SER B 239 2.88 31.71 -16.36
C SER B 239 3.16 30.34 -15.75
N TYR B 240 4.26 29.73 -16.17
CA TYR B 240 4.65 28.44 -15.63
C TYR B 240 5.56 28.56 -14.41
N ILE B 241 6.21 29.70 -14.23
CA ILE B 241 7.27 29.85 -13.25
C ILE B 241 7.03 31.09 -12.40
N ASP B 242 7.83 31.23 -11.35
CA ASP B 242 7.80 32.41 -10.50
C ASP B 242 8.45 33.57 -11.23
N LEU B 243 7.68 34.64 -11.47
CA LEU B 243 8.13 35.77 -12.27
C LEU B 243 8.97 36.76 -11.49
N LEU B 244 9.54 36.35 -10.36
CA LEU B 244 10.37 37.25 -9.56
C LEU B 244 11.80 37.34 -10.10
N TYR B 245 12.33 36.25 -10.63
CA TYR B 245 13.74 36.14 -10.94
C TYR B 245 14.05 36.74 -12.31
N PRO B 246 15.32 37.09 -12.57
CA PRO B 246 15.68 37.74 -13.83
C PRO B 246 15.45 36.86 -15.05
N THR B 247 15.68 37.42 -16.24
CA THR B 247 15.41 36.70 -17.48
C THR B 247 16.25 35.44 -17.57
N GLU B 248 17.53 35.52 -17.21
CA GLU B 248 18.41 34.36 -17.30
C GLU B 248 17.96 33.25 -16.37
N ASP B 249 17.60 33.59 -15.13
CA ASP B 249 17.14 32.57 -14.19
C ASP B 249 15.80 31.98 -14.62
N ARG B 250 14.92 32.82 -15.18
CA ARG B 250 13.60 32.33 -15.60
C ARG B 250 13.74 31.32 -16.74
N ASN B 251 14.49 31.67 -17.78
CA ASN B 251 14.60 30.78 -18.94
C ASN B 251 15.42 29.52 -18.63
N ASP B 252 16.21 29.54 -17.56
CA ASP B 252 16.93 28.33 -17.15
C ASP B 252 15.97 27.26 -16.66
N ARG B 253 14.97 27.64 -15.86
CA ARG B 253 13.95 26.70 -15.44
C ARG B 253 13.12 26.22 -16.61
N LEU B 254 12.87 27.10 -17.59
CA LEU B 254 12.04 26.73 -18.72
C LEU B 254 12.74 25.71 -19.61
N ARG B 255 14.02 25.93 -19.91
CA ARG B 255 14.76 24.95 -20.69
C ARG B 255 14.96 23.65 -19.93
N ASP B 256 15.12 23.73 -18.60
CA ASP B 256 15.38 22.53 -17.82
C ASP B 256 14.12 21.69 -17.67
N SER B 257 13.00 22.32 -17.30
CA SER B 257 11.78 21.60 -16.97
C SER B 257 10.82 21.48 -18.14
N TYR B 258 10.83 22.42 -19.08
CA TYR B 258 9.86 22.43 -20.18
C TYR B 258 10.50 22.49 -21.55
N PHE B 259 11.84 22.58 -21.63
CA PHE B 259 12.58 22.41 -22.88
C PHE B 259 12.18 23.46 -23.92
N PHE B 260 12.20 24.73 -23.51
CA PHE B 260 11.95 25.84 -24.42
C PHE B 260 12.52 27.11 -23.81
N THR B 261 12.63 28.14 -24.64
CA THR B 261 13.11 29.46 -24.23
C THR B 261 12.04 30.49 -24.55
N CYS B 262 11.61 31.25 -23.53
CA CYS B 262 10.58 32.25 -23.74
C CYS B 262 11.11 33.42 -24.55
N GLU B 263 10.24 33.99 -25.38
CA GLU B 263 10.60 35.11 -26.25
C GLU B 263 9.55 36.22 -26.19
N CYS B 264 8.93 36.41 -25.02
CA CYS B 264 7.91 37.44 -24.85
C CYS B 264 8.58 38.82 -24.77
N GLN B 265 7.78 39.82 -24.39
CA GLN B 265 8.30 41.18 -24.29
C GLN B 265 9.39 41.31 -23.23
N GLU B 266 9.18 40.67 -22.08
CA GLU B 266 10.14 40.78 -20.98
C GLU B 266 11.46 40.10 -21.34
N CYS B 267 11.39 38.90 -21.93
CA CYS B 267 12.61 38.15 -22.19
C CYS B 267 13.43 38.77 -23.32
N THR B 268 12.77 39.41 -24.29
CA THR B 268 13.51 39.99 -25.41
C THR B 268 14.13 41.33 -25.05
N THR B 269 13.45 42.13 -24.24
CA THR B 269 13.91 43.47 -23.90
C THR B 269 14.61 43.56 -22.56
N LYS B 270 14.37 42.62 -21.64
CA LYS B 270 14.97 42.62 -20.32
C LYS B 270 14.69 43.94 -19.59
N ASP B 271 13.43 44.35 -19.60
CA ASP B 271 13.05 45.63 -19.01
C ASP B 271 13.22 45.62 -17.50
N LYS B 272 12.65 44.61 -16.83
CA LYS B 272 12.70 44.54 -15.38
C LYS B 272 14.00 43.94 -14.85
N ASP B 273 14.92 43.52 -15.73
CA ASP B 273 16.19 42.96 -15.25
C ASP B 273 17.05 44.00 -14.55
N LYS B 274 16.85 45.29 -14.86
CA LYS B 274 17.59 46.34 -14.19
C LYS B 274 17.13 46.51 -12.75
N ALA B 275 15.81 46.58 -12.53
CA ALA B 275 15.29 46.76 -11.18
C ALA B 275 15.44 45.50 -10.34
N LYS B 276 15.40 44.33 -10.97
CA LYS B 276 15.49 43.07 -10.21
C LYS B 276 16.90 42.81 -9.71
N VAL B 277 17.91 43.06 -10.56
CA VAL B 277 19.30 42.93 -10.12
C VAL B 277 19.79 44.32 -9.70
N GLU B 278 19.05 44.97 -8.81
CA GLU B 278 19.41 46.31 -8.38
C GLU B 278 20.68 46.27 -7.55
N ILE B 279 21.62 47.15 -7.89
CA ILE B 279 22.91 47.23 -7.22
C ILE B 279 23.05 48.60 -6.58
N ARG B 280 23.56 48.64 -5.35
CA ARG B 280 23.80 49.88 -4.64
C ARG B 280 25.14 50.46 -5.05
N LYS B 281 25.13 51.71 -5.52
CA LYS B 281 26.33 52.37 -6.01
C LYS B 281 26.96 53.21 -4.89
N LEU B 282 27.57 52.51 -3.94
CA LEU B 282 28.36 53.17 -2.91
C LEU B 282 29.46 54.01 -3.56
N SER B 283 30.09 54.86 -2.73
CA SER B 283 31.08 55.85 -3.16
C SER B 283 32.03 55.28 -4.21
N ASP B 284 32.48 54.05 -4.01
CA ASP B 284 33.27 53.34 -5.01
C ASP B 284 32.34 52.34 -5.70
N PRO B 285 31.88 52.61 -6.92
CA PRO B 285 30.86 51.77 -7.55
C PRO B 285 31.32 50.32 -7.66
N PRO B 286 30.44 49.37 -7.36
CA PRO B 286 30.83 47.96 -7.40
C PRO B 286 31.31 47.55 -8.78
N LYS B 287 32.41 46.78 -8.78
CA LYS B 287 33.02 46.32 -10.02
C LYS B 287 32.04 45.45 -10.83
N ALA B 288 32.29 45.36 -12.13
CA ALA B 288 31.43 44.56 -12.99
C ALA B 288 31.56 43.07 -12.68
N GLU B 289 32.80 42.60 -12.47
CA GLU B 289 32.99 41.20 -12.12
C GLU B 289 32.49 40.90 -10.72
N ALA B 290 32.53 41.87 -9.81
CA ALA B 290 31.97 41.68 -8.48
C ALA B 290 30.47 41.45 -8.53
N ILE B 291 29.80 41.92 -9.59
CA ILE B 291 28.38 41.65 -9.75
C ILE B 291 28.16 40.23 -10.24
N ARG B 292 28.95 39.79 -11.23
CA ARG B 292 28.86 38.41 -11.70
C ARG B 292 29.17 37.42 -10.58
N ASP B 293 30.10 37.78 -9.70
CA ASP B 293 30.46 36.89 -8.60
C ASP B 293 29.34 36.79 -7.56
N MET B 294 28.71 37.91 -7.23
CA MET B 294 27.66 37.88 -6.23
C MET B 294 26.39 37.23 -6.77
N VAL B 295 26.10 37.46 -8.06
CA VAL B 295 24.92 36.84 -8.68
C VAL B 295 25.06 35.32 -8.71
N ARG B 296 26.24 34.84 -9.12
CA ARG B 296 26.49 33.39 -9.06
C ARG B 296 26.45 32.88 -7.63
N TYR B 297 26.94 33.69 -6.69
CA TYR B 297 26.86 33.31 -5.28
C TYR B 297 25.41 33.28 -4.81
N ALA B 298 24.60 34.25 -5.23
CA ALA B 298 23.21 34.31 -4.79
C ALA B 298 22.41 33.13 -5.36
N ARG B 299 22.68 32.75 -6.61
CA ARG B 299 22.00 31.60 -7.19
C ARG B 299 22.44 30.30 -6.53
N ASN B 300 23.69 30.25 -6.06
CA ASN B 300 24.17 29.05 -5.39
C ASN B 300 23.55 28.89 -4.01
N VAL B 301 23.50 29.97 -3.23
CA VAL B 301 22.95 29.90 -1.88
C VAL B 301 21.45 29.64 -1.91
N ILE B 302 20.76 30.08 -2.96
CA ILE B 302 19.34 29.77 -3.10
C ILE B 302 19.13 28.28 -3.26
N GLU B 303 19.99 27.63 -4.06
CA GLU B 303 19.93 26.17 -4.16
C GLU B 303 20.49 25.51 -2.91
N GLU B 304 21.47 26.14 -2.27
CA GLU B 304 22.01 25.59 -1.03
C GLU B 304 20.95 25.55 0.07
N PHE B 305 20.12 26.59 0.15
CA PHE B 305 19.03 26.61 1.12
C PHE B 305 17.95 25.59 0.75
N ARG B 306 17.83 25.28 -0.55
CA ARG B 306 16.83 24.33 -1.01
C ARG B 306 17.09 22.93 -0.46
N ARG B 307 18.37 22.51 -0.44
CA ARG B 307 18.70 21.21 0.13
C ARG B 307 18.65 21.22 1.64
N ALA B 308 18.97 22.36 2.28
CA ALA B 308 19.11 22.39 3.72
C ALA B 308 17.77 22.18 4.43
N LYS B 309 16.67 22.63 3.83
CA LYS B 309 15.37 22.52 4.50
C LYS B 309 14.99 21.06 4.76
N HIS B 310 15.50 20.14 3.95
CA HIS B 310 15.09 18.74 4.07
C HIS B 310 15.63 18.06 5.33
N TYR B 311 16.69 18.58 5.94
CA TYR B 311 17.30 17.87 7.05
C TYR B 311 17.98 18.74 8.09
N LYS B 312 17.82 20.06 8.06
CA LYS B 312 18.48 20.93 9.02
C LYS B 312 17.46 21.64 9.89
N SER B 313 17.92 22.03 11.08
CA SER B 313 17.04 22.66 12.06
C SER B 313 16.68 24.07 11.61
N PRO B 314 15.51 24.57 12.05
CA PRO B 314 15.12 25.94 11.68
C PRO B 314 16.10 27.00 12.14
N SER B 315 16.71 26.81 13.32
CA SER B 315 17.70 27.79 13.80
C SER B 315 18.92 27.83 12.89
N GLU B 316 19.22 26.72 12.21
CA GLU B 316 20.34 26.71 11.27
C GLU B 316 19.94 27.31 9.92
N LEU B 317 18.68 27.15 9.51
CA LEU B 317 18.21 27.77 8.28
C LEU B 317 18.24 29.28 8.39
N LEU B 318 17.88 29.82 9.54
CA LEU B 318 17.95 31.27 9.75
C LEU B 318 19.38 31.77 9.67
N GLU B 319 20.36 30.93 10.04
CA GLU B 319 21.75 31.34 9.95
C GLU B 319 22.22 31.40 8.50
N ILE B 320 21.65 30.56 7.62
CA ILE B 320 22.00 30.63 6.21
C ILE B 320 21.53 31.93 5.59
N CYS B 321 20.31 32.36 5.93
CA CYS B 321 19.78 33.62 5.39
C CYS B 321 20.58 34.82 5.89
N GLU B 322 20.72 34.94 7.21
CA GLU B 322 21.38 36.12 7.77
C GLU B 322 22.84 36.20 7.35
N LEU B 323 23.48 35.06 7.11
CA LEU B 323 24.85 35.09 6.62
C LEU B 323 24.90 35.54 5.16
N SER B 324 24.01 35.00 4.33
CA SER B 324 23.99 35.40 2.91
C SER B 324 23.54 36.84 2.74
N GLN B 325 22.57 37.29 3.53
CA GLN B 325 22.11 38.67 3.43
C GLN B 325 23.22 39.64 3.78
N GLU B 326 24.06 39.30 4.76
CA GLU B 326 25.18 40.16 5.12
C GLU B 326 26.19 40.25 3.99
N LYS B 327 26.58 39.11 3.43
CA LYS B 327 27.56 39.11 2.35
C LYS B 327 27.01 39.79 1.10
N MET B 328 25.71 39.62 0.84
CA MET B 328 25.10 40.20 -0.35
C MET B 328 24.84 41.70 -0.19
N SER B 329 24.59 42.16 1.03
CA SER B 329 24.27 43.57 1.24
C SER B 329 25.43 44.49 0.87
N SER B 330 26.64 43.95 0.74
CA SER B 330 27.77 44.77 0.32
C SER B 330 27.61 45.27 -1.10
N VAL B 331 26.95 44.50 -1.98
CA VAL B 331 26.81 44.84 -3.38
C VAL B 331 25.36 45.10 -3.75
N PHE B 332 24.43 44.32 -3.22
CA PHE B 332 23.02 44.39 -3.63
C PHE B 332 22.24 45.34 -2.73
N GLU B 333 21.34 46.10 -3.35
CA GLU B 333 20.38 46.90 -2.61
C GLU B 333 19.31 46.00 -1.99
N ASP B 334 18.63 46.51 -0.97
CA ASP B 334 17.62 45.72 -0.28
C ASP B 334 16.42 45.39 -1.17
N SER B 335 16.26 46.08 -2.29
CA SER B 335 15.19 45.78 -3.24
C SER B 335 15.56 44.68 -4.23
N ASN B 336 16.81 44.21 -4.20
CA ASN B 336 17.23 43.13 -5.09
C ASN B 336 16.41 41.88 -4.82
N VAL B 337 16.06 41.17 -5.90
CA VAL B 337 15.19 40.01 -5.77
C VAL B 337 15.90 38.87 -5.05
N TYR B 338 17.24 38.82 -5.11
CA TYR B 338 17.97 37.81 -4.37
C TYR B 338 17.94 38.08 -2.87
N MET B 339 18.12 39.34 -2.48
CA MET B 339 17.93 39.72 -1.08
C MET B 339 16.51 39.41 -0.61
N LEU B 340 15.52 39.68 -1.47
CA LEU B 340 14.13 39.44 -1.09
C LEU B 340 13.86 37.97 -0.90
N HIS B 341 14.45 37.12 -1.74
CA HIS B 341 14.22 35.68 -1.64
C HIS B 341 14.70 35.14 -0.29
N MET B 342 15.94 35.47 0.09
CA MET B 342 16.46 35.01 1.36
C MET B 342 15.67 35.59 2.53
N MET B 343 15.27 36.85 2.44
CA MET B 343 14.42 37.44 3.48
C MET B 343 13.05 36.77 3.51
N TYR B 344 12.54 36.33 2.36
CA TYR B 344 11.28 35.61 2.34
C TYR B 344 11.42 34.25 3.00
N GLN B 345 12.54 33.56 2.77
CA GLN B 345 12.78 32.28 3.42
C GLN B 345 12.94 32.46 4.93
N ALA B 346 13.67 33.50 5.35
CA ALA B 346 13.82 33.78 6.77
C ALA B 346 12.47 34.10 7.42
N MET B 347 11.60 34.78 6.70
CA MET B 347 10.26 35.06 7.22
C MET B 347 9.49 33.78 7.46
N GLY B 348 9.61 32.81 6.54
CA GLY B 348 8.89 31.56 6.67
C GLY B 348 9.43 30.68 7.78
N VAL B 349 10.75 30.73 8.02
CA VAL B 349 11.32 29.95 9.11
C VAL B 349 10.91 30.53 10.46
N CYS B 350 10.90 31.85 10.58
CA CYS B 350 10.45 32.48 11.82
C CYS B 350 8.98 32.17 12.09
N ALA B 351 8.18 32.07 11.03
CA ALA B 351 6.77 31.72 11.19
C ALA B 351 6.58 30.28 11.62
N TYR B 352 7.56 29.40 11.34
CA TYR B 352 7.45 28.02 11.80
C TYR B 352 7.83 27.90 13.27
N MET B 353 8.84 28.65 13.71
CA MET B 353 9.16 28.74 15.13
C MET B 353 8.10 29.49 15.92
N GLN B 354 7.04 29.95 15.28
CA GLN B 354 5.99 30.75 15.90
C GLN B 354 6.56 32.03 16.50
N ASP B 355 7.65 32.52 15.94
CA ASP B 355 8.18 33.84 16.28
C ASP B 355 7.61 34.85 15.28
N ALA B 356 6.31 35.08 15.42
CA ALA B 356 5.59 35.93 14.47
C ALA B 356 6.11 37.36 14.47
N GLU B 357 6.61 37.84 15.62
CA GLU B 357 7.20 39.17 15.67
C GLU B 357 8.42 39.26 14.78
N GLY B 358 9.26 38.23 14.80
CA GLY B 358 10.43 38.20 13.93
C GLY B 358 10.07 38.02 12.47
N ALA B 359 8.99 37.30 12.19
CA ALA B 359 8.57 37.09 10.80
C ALA B 359 7.95 38.36 10.22
N LEU B 360 7.19 39.10 11.03
CA LEU B 360 6.58 40.34 10.57
C LEU B 360 7.63 41.38 10.22
N GLN B 361 8.76 41.39 10.93
CA GLN B 361 9.83 42.33 10.61
C GLN B 361 10.42 42.05 9.24
N TYR B 362 10.48 40.78 8.83
CA TYR B 362 10.91 40.46 7.47
C TYR B 362 9.80 40.77 6.46
N GLY B 363 8.56 40.45 6.81
CA GLY B 363 7.46 40.63 5.87
C GLY B 363 7.27 42.08 5.45
N GLN B 364 7.22 42.99 6.42
CA GLN B 364 7.01 44.39 6.10
C GLN B 364 8.15 44.97 5.27
N LYS B 365 9.37 44.50 5.50
CA LYS B 365 10.51 44.99 4.73
C LYS B 365 10.37 44.63 3.26
N ILE B 366 9.87 43.44 2.95
CA ILE B 366 9.90 42.93 1.58
C ILE B 366 8.59 43.12 0.83
N ILE B 367 7.46 43.35 1.52
CA ILE B 367 6.17 43.32 0.87
C ILE B 367 6.08 44.40 -0.22
N LYS B 368 6.55 45.62 0.08
CA LYS B 368 6.45 46.68 -0.91
C LYS B 368 7.35 46.43 -2.12
N PRO B 369 8.65 46.13 -1.97
CA PRO B 369 9.45 45.83 -3.16
C PRO B 369 9.05 44.53 -3.84
N TYR B 370 8.48 43.58 -3.09
CA TYR B 370 8.08 42.31 -3.68
C TYR B 370 7.03 42.52 -4.77
N SER B 371 5.99 43.30 -4.45
CA SER B 371 4.87 43.47 -5.37
C SER B 371 5.28 44.24 -6.63
N LYS B 372 6.28 45.10 -6.54
CA LYS B 372 6.68 45.91 -7.69
C LYS B 372 7.40 45.10 -8.77
N HIS B 373 7.80 43.88 -8.47
CA HIS B 373 8.44 43.01 -9.44
C HIS B 373 7.48 42.03 -10.11
N TYR B 374 6.20 42.08 -9.76
CA TYR B 374 5.19 41.16 -10.24
C TYR B 374 4.13 41.92 -11.03
N PRO B 375 3.32 41.21 -11.84
CA PRO B 375 2.18 41.86 -12.49
C PRO B 375 1.18 42.40 -11.47
N LEU B 376 0.18 43.10 -11.98
CA LEU B 376 -0.81 43.74 -11.12
C LEU B 376 -1.55 42.71 -10.27
N TYR B 377 -2.08 41.67 -10.90
CA TYR B 377 -2.80 40.61 -10.20
C TYR B 377 -1.96 39.34 -10.23
N SER B 378 -1.20 39.12 -9.16
CA SER B 378 -0.34 37.95 -9.02
C SER B 378 -0.66 37.27 -7.70
N LEU B 379 -0.78 35.94 -7.74
CA LEU B 379 -1.05 35.18 -6.52
C LEU B 379 0.11 35.22 -5.55
N ASN B 380 1.33 35.39 -6.06
CA ASN B 380 2.49 35.49 -5.18
C ASN B 380 2.39 36.72 -4.28
N VAL B 381 1.82 37.81 -4.81
CA VAL B 381 1.65 39.01 -3.99
C VAL B 381 0.42 38.85 -3.10
N ALA B 382 -0.64 38.23 -3.61
CA ALA B 382 -1.84 38.02 -2.80
C ALA B 382 -1.53 37.13 -1.60
N SER B 383 -0.79 36.04 -1.82
CA SER B 383 -0.46 35.14 -0.71
C SER B 383 0.46 35.83 0.29
N MET B 384 1.40 36.65 -0.18
CA MET B 384 2.26 37.39 0.73
C MET B 384 1.45 38.32 1.62
N TRP B 385 0.48 39.02 1.05
CA TRP B 385 -0.41 39.87 1.85
C TRP B 385 -1.23 39.04 2.82
N LEU B 386 -1.59 37.81 2.44
CA LEU B 386 -2.37 36.96 3.34
C LEU B 386 -1.54 36.52 4.53
N LYS B 387 -0.30 36.09 4.31
CA LYS B 387 0.57 35.68 5.41
C LYS B 387 0.84 36.85 6.35
N LEU B 388 1.22 38.00 5.79
CA LEU B 388 1.40 39.19 6.62
C LEU B 388 0.12 39.61 7.32
N GLY B 389 -1.03 39.39 6.68
CA GLY B 389 -2.29 39.81 7.28
C GLY B 389 -2.66 38.99 8.50
N ARG B 390 -2.71 37.66 8.35
CA ARG B 390 -3.16 36.83 9.46
C ARG B 390 -2.11 36.75 10.57
N LEU B 391 -0.83 36.94 10.23
CA LEU B 391 0.19 37.02 11.28
C LEU B 391 -0.09 38.18 12.21
N TYR B 392 -0.54 39.32 11.67
CA TYR B 392 -0.98 40.43 12.51
C TYR B 392 -2.20 40.06 13.33
N MET B 393 -3.12 39.29 12.75
CA MET B 393 -4.35 38.93 13.45
C MET B 393 -4.07 38.03 14.64
N GLY B 394 -2.97 37.27 14.62
CA GLY B 394 -2.60 36.48 15.77
C GLY B 394 -1.99 37.30 16.89
N LEU B 395 -1.37 38.42 16.55
CA LEU B 395 -0.81 39.34 17.53
C LEU B 395 -1.77 40.48 17.88
N GLU B 396 -3.04 40.35 17.48
CA GLU B 396 -4.07 41.34 17.77
C GLU B 396 -3.74 42.71 17.16
N HIS B 397 -2.95 42.71 16.08
CA HIS B 397 -2.70 43.93 15.32
C HIS B 397 -3.70 44.03 14.16
N LYS B 398 -4.97 44.07 14.53
CA LYS B 398 -6.05 44.02 13.56
C LYS B 398 -6.15 45.28 12.72
N ALA B 399 -5.53 46.38 13.13
CA ALA B 399 -5.47 47.58 12.31
C ALA B 399 -4.68 47.28 11.05
N ALA B 400 -3.37 47.03 11.20
CA ALA B 400 -2.54 46.64 10.07
C ALA B 400 -2.84 45.23 9.57
N GLY B 401 -3.68 44.47 10.28
CA GLY B 401 -4.05 43.14 9.86
C GLY B 401 -5.13 43.14 8.79
N GLU B 402 -6.28 43.76 9.11
CA GLU B 402 -7.34 43.86 8.11
C GLU B 402 -6.93 44.78 6.96
N LYS B 403 -6.01 45.71 7.23
CA LYS B 403 -5.47 46.53 6.15
C LYS B 403 -4.63 45.70 5.18
N ALA B 404 -3.86 44.75 5.72
CA ALA B 404 -3.10 43.85 4.86
C ALA B 404 -4.01 42.81 4.19
N LEU B 405 -5.10 42.42 4.86
CA LEU B 405 -6.02 41.45 4.28
C LEU B 405 -6.82 42.04 3.12
N LYS B 406 -7.14 43.33 3.17
CA LYS B 406 -7.87 43.95 2.08
C LYS B 406 -7.04 44.00 0.80
N LYS B 407 -5.71 43.98 0.91
CA LYS B 407 -4.86 43.91 -0.27
C LYS B 407 -5.00 42.56 -0.97
N ALA B 408 -5.08 41.48 -0.19
CA ALA B 408 -5.27 40.15 -0.79
C ALA B 408 -6.63 40.03 -1.46
N ILE B 409 -7.67 40.58 -0.82
CA ILE B 409 -9.00 40.54 -1.42
C ILE B 409 -9.02 41.25 -2.76
N ALA B 410 -8.30 42.38 -2.87
CA ALA B 410 -8.25 43.13 -4.12
C ALA B 410 -7.70 42.27 -5.25
N ILE B 411 -6.62 41.54 -4.98
CA ILE B 411 -6.02 40.70 -6.02
C ILE B 411 -6.80 39.41 -6.19
N MET B 412 -7.26 38.79 -5.10
CA MET B 412 -7.91 37.49 -5.20
C MET B 412 -9.30 37.57 -5.83
N GLU B 413 -9.99 38.70 -5.67
CA GLU B 413 -11.30 38.85 -6.29
C GLU B 413 -11.21 38.81 -7.82
N VAL B 414 -10.06 39.12 -8.39
CA VAL B 414 -9.85 39.01 -9.83
C VAL B 414 -9.40 37.61 -10.22
N ALA B 415 -8.45 37.03 -9.46
CA ALA B 415 -7.91 35.72 -9.79
C ALA B 415 -8.89 34.61 -9.41
N HIS B 416 -9.26 34.54 -8.13
CA HIS B 416 -10.17 33.49 -7.67
C HIS B 416 -11.62 33.78 -7.98
N GLY B 417 -11.99 35.05 -8.12
CA GLY B 417 -13.38 35.41 -8.28
C GLY B 417 -14.02 35.82 -6.96
N LYS B 418 -15.13 36.55 -7.07
CA LYS B 418 -15.81 37.07 -5.87
C LYS B 418 -16.63 36.00 -5.17
N ASP B 419 -17.01 34.93 -5.86
CA ASP B 419 -17.78 33.84 -5.27
C ASP B 419 -16.90 32.72 -4.71
N HIS B 420 -15.58 32.85 -4.79
CA HIS B 420 -14.69 31.78 -4.40
C HIS B 420 -14.77 31.54 -2.89
N PRO B 421 -14.66 30.29 -2.44
CA PRO B 421 -14.69 30.02 -0.99
C PRO B 421 -13.55 30.67 -0.22
N TYR B 422 -12.37 30.82 -0.84
CA TYR B 422 -11.26 31.47 -0.15
C TYR B 422 -11.61 32.90 0.23
N ILE B 423 -12.41 33.59 -0.60
CA ILE B 423 -12.80 34.95 -0.29
C ILE B 423 -13.74 34.99 0.91
N SER B 424 -14.52 33.93 1.12
CA SER B 424 -15.46 33.92 2.25
C SER B 424 -14.73 33.75 3.57
N GLU B 425 -13.75 32.84 3.63
CA GLU B 425 -13.08 32.56 4.88
C GLU B 425 -12.25 33.73 5.39
N ILE B 426 -11.67 34.52 4.48
CA ILE B 426 -10.87 35.67 4.90
C ILE B 426 -11.78 36.79 5.38
N LYS B 427 -12.94 36.96 4.74
CA LYS B 427 -13.94 37.88 5.28
C LYS B 427 -14.40 37.43 6.65
N GLN B 428 -14.49 36.11 6.87
CA GLN B 428 -14.84 35.59 8.18
C GLN B 428 -13.74 35.81 9.20
N GLU B 429 -12.49 36.01 8.75
CA GLU B 429 -11.40 36.30 9.67
C GLU B 429 -11.37 37.76 10.10
N ILE B 430 -11.90 38.66 9.26
CA ILE B 430 -12.01 40.06 9.66
C ILE B 430 -13.26 40.28 10.52
N GLU B 431 -14.31 39.49 10.30
CA GLU B 431 -15.54 39.62 11.08
C GLU B 431 -15.41 39.04 12.48
N SER B 432 -14.46 38.14 12.71
CA SER B 432 -14.32 37.48 14.00
C SER B 432 -13.74 38.41 15.07
N HIS B 433 -14.01 39.71 14.95
CA HIS B 433 -13.57 40.76 15.88
C HIS B 433 -12.06 40.72 16.18
C1 GOL C . -6.96 -22.92 7.09
O1 GOL C . -6.16 -22.25 6.17
C2 GOL C . -7.88 -23.88 6.29
O2 GOL C . -7.14 -24.77 5.51
C3 GOL C . -8.72 -24.61 7.37
O3 GOL C . -9.76 -25.27 6.71
N SAH D . -1.67 -15.02 -7.31
CA SAH D . -0.52 -15.86 -7.00
CB SAH D . -0.97 -17.24 -6.49
CG SAH D . -1.29 -17.43 -5.03
SD SAH D . 0.12 -17.17 -3.94
C SAH D . 0.41 -16.04 -8.20
O SAH D . -0.04 -16.30 -9.31
OXT SAH D . 1.62 -15.93 -8.07
C5' SAH D . -0.64 -15.88 -2.95
C4' SAH D . -0.41 -14.47 -3.47
O4' SAH D . -1.49 -14.06 -4.31
C3' SAH D . -0.31 -13.47 -2.33
O3' SAH D . 1.02 -13.03 -2.19
C2' SAH D . -1.22 -12.32 -2.70
O2' SAH D . -0.45 -11.19 -3.05
C1' SAH D . -2.00 -12.79 -3.91
N9 SAH D . -3.42 -12.94 -3.56
C8 SAH D . -4.01 -14.10 -3.15
N7 SAH D . -5.32 -13.86 -2.91
C5 SAH D . -5.56 -12.55 -3.14
C6 SAH D . -6.72 -11.78 -3.03
N6 SAH D . -7.86 -12.35 -2.66
N1 SAH D . -6.68 -10.44 -3.34
C2 SAH D . -5.49 -9.87 -3.74
N3 SAH D . -4.34 -10.63 -3.84
C4 SAH D . -4.38 -11.96 -3.55
ZN ZN E . 19.08 -42.30 7.87
ZN ZN F . -11.96 -11.74 2.74
ZN ZN G . 5.67 -45.61 2.97
C1 GOL H . 3.28 25.34 -12.36
O1 GOL H . 2.11 25.19 -13.10
C2 GOL H . 2.91 24.93 -10.91
O2 GOL H . 1.97 23.92 -10.87
C3 GOL H . 4.25 24.50 -10.28
O3 GOL H . 4.98 25.67 -10.06
C1 GOL I . 1.30 23.49 -16.69
O1 GOL I . 0.63 23.09 -17.84
C2 GOL I . 2.79 23.52 -17.04
O2 GOL I . 3.02 24.00 -18.33
C3 GOL I . 3.44 24.43 -15.97
O3 GOL I . 3.84 23.58 -14.94
N SAH J . 1.84 23.87 -26.95
CA SAH J . 1.82 22.73 -26.07
CB SAH J . 1.05 23.03 -24.81
CG SAH J . 1.33 23.34 -23.32
SD SAH J . 2.66 22.40 -22.56
C SAH J . 1.06 21.57 -26.75
O SAH J . 1.25 21.25 -27.91
OXT SAH J . 0.24 20.86 -26.35
C5' SAH J . 4.04 23.49 -22.97
C4' SAH J . 4.93 23.30 -24.15
O4' SAH J . 4.68 24.25 -25.18
C3' SAH J . 6.28 23.63 -23.70
O3' SAH J . 6.78 22.53 -23.00
C2' SAH J . 6.96 24.08 -24.99
O2' SAH J . 7.21 23.03 -25.81
C1' SAH J . 5.85 24.92 -25.54
N9 SAH J . 5.75 26.30 -25.08
C8 SAH J . 4.98 26.77 -24.08
N7 SAH J . 5.05 28.05 -23.93
C5 SAH J . 5.90 28.46 -24.92
C6 SAH J . 6.40 29.72 -25.32
N6 SAH J . 6.08 30.85 -24.73
N1 SAH J . 7.25 29.76 -26.34
C2 SAH J . 7.59 28.62 -26.92
N3 SAH J . 7.18 27.40 -26.67
C4 SAH J . 6.34 27.38 -25.63
ZN ZN K . -7.58 3.38 3.00
ZN ZN L . 9.38 35.43 -21.10
ZN ZN M . -15.07 15.63 0.75
#